data_5FP1
#
_entry.id   5FP1
#
_cell.length_a   86.120
_cell.length_b   100.130
_cell.length_c   163.640
_cell.angle_alpha   90.00
_cell.angle_beta   90.00
_cell.angle_gamma   90.00
#
_symmetry.space_group_name_H-M   'P 21 21 21'
#
loop_
_entity.id
_entity.type
_entity.pdbx_description
1 polymer 'TONB-DEPENDENT SIDEROPHORE RECEPTOR'
2 non-polymer 'PHOSPHATE ION'
3 non-polymer (HYDROXYETHYLOXY)TRI(ETHYLOXY)OCTANE
4 water water
#
_entity_poly.entity_id   1
_entity_poly.type   'polypeptide(L)'
_entity_poly.pdbx_seq_one_letter_code
;AMEQEAVSQLPTIHTKATQEESLKVDQSANSKFVAPLLDTPKSVSVISKQLIEDTKVTTLADALRTVPGITLGAGEGGNP
NGDRPFIRGYSSESSMYIDGIRNSTSQNREMFAVEQVEVTKGSASAMGGAGSVGGSINMISKVAKKGDFLEGSVAAGTDN
YQRITLDGNKDFGNGIAARVAVLGHQNEKAGQSNGAEYKRVGIAPSITFGLDTPTRATLSYYYLQTDDKPDSGIPYWDSS
LGKAQGKPAEVKQGTYYGWKDRDFQKQENHIGTIKLEHDLTDNITITNTAMYAKSKNDYVWTNPDDSKGNVGKGLVWHRL
NSAITDSETFTDQLALTGKFDTGFLKHRFNVGAEYSKQKTDKGGYNIIDAKGNVSSTGFYSDCSDLSTNWCTSLNGPTQK
PFVDRLQARPDFDATVESTSVYLLDNIEITPKWLLDLGLRWDKFEAEQNFLATSSAAAYTAKNNSDFVTYQAGITFKPTE
NGSIYTSYATSASPVGLNAGWGDNSETINANNQMIDPEEAQTFEIGTKWDFLDNHLNLTAAIFRTEKQNTRVQIDPTTYA
NVGESKVDGFELGLNGEITDKWNISAGYTYLDSELTKNGKSCRSGKCTDQSIYNGNQMPNVPKQAATLWTTYKVLPQLTV
GAGAVYSDKVYGDVANTKWVPSYVRYDAMARYNVNKNVDLQLNINNLSDKRYFTKAYASHYATEAEGRSAVLAVNFKY
;
_entity_poly.pdbx_strand_id   A
#
loop_
_chem_comp.id
_chem_comp.type
_chem_comp.name
_chem_comp.formula
C8E non-polymer (HYDROXYETHYLOXY)TRI(ETHYLOXY)OCTANE 'C16 H34 O5'
PO4 non-polymer 'PHOSPHATE ION' 'O4 P -3'
#
# COMPACT_ATOMS: atom_id res chain seq x y z
N THR A 18 -1.00 15.44 -25.26
CA THR A 18 -0.92 13.96 -25.41
C THR A 18 -1.63 13.23 -24.27
N GLN A 19 -1.92 11.95 -24.49
CA GLN A 19 -2.54 11.08 -23.48
C GLN A 19 -1.66 10.88 -22.24
N GLU A 20 -0.34 10.80 -22.43
CA GLU A 20 0.61 10.73 -21.31
C GLU A 20 0.47 11.90 -20.35
N GLU A 21 -0.10 13.01 -20.83
CA GLU A 21 -0.26 14.17 -20.00
C GLU A 21 -1.64 14.26 -19.36
N SER A 22 -2.53 13.32 -19.66
CA SER A 22 -3.84 13.37 -19.08
C SER A 22 -3.92 12.79 -17.65
N LEU A 23 -4.71 13.44 -16.82
CA LEU A 23 -5.07 12.91 -15.51
C LEU A 23 -6.12 11.79 -15.60
N LYS A 24 -6.72 11.63 -16.78
CA LYS A 24 -7.72 10.60 -17.03
C LYS A 24 -7.02 9.43 -17.69
N VAL A 25 -7.16 8.25 -17.11
CA VAL A 25 -6.58 7.06 -17.71
C VAL A 25 -7.69 6.15 -18.20
N ASP A 26 -7.66 5.76 -19.49
CA ASP A 26 -8.78 5.02 -20.11
C ASP A 26 -8.67 3.52 -19.96
N GLN A 27 -7.45 3.00 -19.97
CA GLN A 27 -7.21 1.56 -19.90
C GLN A 27 -6.22 1.26 -18.79
N SER A 28 -6.47 0.17 -18.09
CA SER A 28 -5.51 -0.37 -17.15
C SER A 28 -4.32 -0.99 -17.87
N ALA A 29 -3.14 -0.92 -17.26
CA ALA A 29 -1.97 -1.61 -17.79
C ALA A 29 -1.97 -3.07 -17.37
N ASN A 30 -2.94 -3.47 -16.56
CA ASN A 30 -3.05 -4.83 -16.09
C ASN A 30 -3.87 -5.67 -17.09
N SER A 31 -3.27 -6.69 -17.67
CA SER A 31 -3.95 -7.49 -18.70
C SER A 31 -5.09 -8.36 -18.14
N LYS A 32 -5.24 -8.41 -16.82
CA LYS A 32 -6.42 -9.05 -16.23
C LYS A 32 -7.70 -8.23 -16.29
N PHE A 33 -7.56 -6.93 -16.57
CA PHE A 33 -8.69 -6.07 -16.88
C PHE A 33 -8.81 -6.07 -18.39
N VAL A 34 -9.68 -6.94 -18.88
CA VAL A 34 -9.80 -7.19 -20.31
C VAL A 34 -10.61 -6.13 -21.05
N ALA A 35 -11.31 -5.27 -20.30
CA ALA A 35 -12.11 -4.20 -20.89
C ALA A 35 -11.59 -2.84 -20.46
N PRO A 36 -11.89 -1.78 -21.24
CA PRO A 36 -11.54 -0.43 -20.81
C PRO A 36 -12.19 -0.08 -19.49
N LEU A 37 -11.61 0.85 -18.75
CA LEU A 37 -12.11 1.11 -17.41
C LEU A 37 -13.58 1.59 -17.44
N LEU A 38 -13.96 2.34 -18.46
CA LEU A 38 -15.35 2.81 -18.62
C LEU A 38 -16.39 1.70 -18.58
N ASP A 39 -16.02 0.55 -19.13
CA ASP A 39 -16.92 -0.57 -19.25
C ASP A 39 -16.65 -1.67 -18.24
N THR A 40 -15.70 -1.45 -17.35
CA THR A 40 -15.37 -2.46 -16.35
C THR A 40 -16.29 -2.27 -15.17
N PRO A 41 -17.02 -3.33 -14.75
CA PRO A 41 -17.99 -3.22 -13.68
C PRO A 41 -17.35 -3.37 -12.29
N LYS A 42 -16.41 -2.49 -12.01
CA LYS A 42 -15.62 -2.54 -10.79
C LYS A 42 -15.00 -1.18 -10.61
N SER A 43 -14.80 -0.76 -9.37
CA SER A 43 -14.13 0.52 -9.11
C SER A 43 -12.64 0.38 -9.20
N VAL A 44 -12.04 1.21 -10.03
CA VAL A 44 -10.57 1.25 -10.18
C VAL A 44 -10.18 2.71 -10.28
N SER A 45 -9.23 3.14 -9.45
CA SER A 45 -8.65 4.48 -9.53
C SER A 45 -7.21 4.37 -10.01
N VAL A 46 -6.80 5.24 -10.90
CA VAL A 46 -5.40 5.26 -11.34
C VAL A 46 -4.73 6.55 -10.92
N ILE A 47 -3.67 6.43 -10.15
CA ILE A 47 -2.82 7.57 -9.84
C ILE A 47 -1.92 7.77 -11.04
N SER A 48 -2.25 8.76 -11.87
CA SER A 48 -1.65 8.87 -13.19
C SER A 48 -0.21 9.42 -13.15
N LYS A 49 0.52 9.17 -14.22
CA LYS A 49 1.83 9.74 -14.46
C LYS A 49 1.83 11.25 -14.23
N GLN A 50 0.84 11.93 -14.78
CA GLN A 50 0.85 13.39 -14.68
C GLN A 50 0.59 13.85 -13.26
N LEU A 51 -0.29 13.15 -12.55
CA LEU A 51 -0.52 13.49 -11.16
C LEU A 51 0.74 13.28 -10.34
N ILE A 52 1.44 12.20 -10.61
CA ILE A 52 2.70 11.88 -9.93
C ILE A 52 3.72 13.01 -10.19
N GLU A 53 3.82 13.44 -11.44
CA GLU A 53 4.71 14.57 -11.77
C GLU A 53 4.32 15.90 -11.15
N ASP A 54 3.03 16.22 -11.16
CA ASP A 54 2.56 17.45 -10.61
C ASP A 54 2.80 17.56 -9.10
N THR A 55 2.61 16.44 -8.38
CA THR A 55 2.72 16.46 -6.92
C THR A 55 4.13 16.20 -6.43
N LYS A 56 4.96 15.64 -7.29
CA LYS A 56 6.30 15.15 -6.98
C LYS A 56 6.29 14.22 -5.77
N VAL A 57 5.27 13.35 -5.70
CA VAL A 57 5.27 12.32 -4.64
C VAL A 57 6.41 11.36 -4.87
N THR A 58 7.13 11.05 -3.79
CA THR A 58 8.31 10.22 -3.92
C THR A 58 8.13 8.81 -3.36
N THR A 59 7.08 8.61 -2.57
CA THR A 59 6.79 7.28 -2.02
C THR A 59 5.34 6.91 -2.33
N LEU A 60 5.07 5.61 -2.39
CA LEU A 60 3.71 5.15 -2.51
C LEU A 60 2.82 5.71 -1.41
N ALA A 61 3.31 5.72 -0.18
CA ALA A 61 2.52 6.16 0.96
C ALA A 61 2.03 7.59 0.69
N ASP A 62 2.93 8.46 0.24
CA ASP A 62 2.56 9.83 -0.08
C ASP A 62 1.57 9.87 -1.25
N ALA A 63 1.83 9.08 -2.29
CA ALA A 63 0.98 9.03 -3.45
C ALA A 63 -0.46 8.69 -3.11
N LEU A 64 -0.64 7.79 -2.16
CA LEU A 64 -1.95 7.31 -1.78
C LEU A 64 -2.81 8.37 -1.12
N ARG A 65 -2.21 9.46 -0.65
CA ARG A 65 -2.99 10.56 -0.09
C ARG A 65 -3.98 11.13 -1.13
N THR A 66 -3.69 10.94 -2.41
CA THR A 66 -4.57 11.45 -3.48
C THR A 66 -5.82 10.62 -3.69
N VAL A 67 -5.89 9.46 -3.04
CA VAL A 67 -7.05 8.57 -3.18
C VAL A 67 -7.83 8.58 -1.88
N PRO A 68 -9.02 9.21 -1.89
CA PRO A 68 -9.73 9.31 -0.61
C PRO A 68 -10.14 7.96 -0.06
N GLY A 69 -10.08 7.84 1.25
CA GLY A 69 -10.54 6.64 1.92
C GLY A 69 -9.48 5.54 2.00
N ILE A 70 -8.31 5.74 1.40
CA ILE A 70 -7.23 4.78 1.58
C ILE A 70 -6.59 5.31 2.85
N THR A 71 -6.62 4.52 3.90
CA THR A 71 -6.01 4.95 5.14
C THR A 71 -4.76 4.09 5.35
N LEU A 72 -3.75 4.68 5.97
CA LEU A 72 -2.48 4.00 6.23
C LEU A 72 -2.42 3.48 7.66
N GLY A 73 -1.94 2.25 7.79
CA GLY A 73 -1.78 1.61 9.09
C GLY A 73 -0.35 1.72 9.58
N ALA A 74 -0.19 1.51 10.89
CA ALA A 74 1.10 1.67 11.53
C ALA A 74 1.61 0.33 12.03
N GLY A 75 2.89 0.32 12.37
CA GLY A 75 3.53 -0.87 12.93
C GLY A 75 3.51 -0.95 14.44
N GLU A 76 3.88 -2.12 14.95
CA GLU A 76 4.04 -2.28 16.40
C GLU A 76 4.98 -3.44 16.68
N GLY A 77 4.83 -4.09 17.84
CA GLY A 77 5.76 -5.12 18.22
C GLY A 77 5.69 -6.37 17.36
N GLY A 78 4.49 -6.68 16.88
CA GLY A 78 4.25 -7.87 16.11
C GLY A 78 3.91 -7.67 14.65
N ASN A 79 4.10 -6.46 14.14
CA ASN A 79 3.92 -6.23 12.71
C ASN A 79 4.76 -5.09 12.19
N PRO A 80 5.32 -5.23 10.98
CA PRO A 80 6.30 -4.26 10.50
C PRO A 80 5.70 -2.91 10.18
N ASN A 81 6.58 -1.91 10.12
CA ASN A 81 6.17 -0.51 10.02
C ASN A 81 6.28 0.02 8.59
N GLY A 82 6.00 -0.81 7.59
CA GLY A 82 6.11 -0.40 6.18
C GLY A 82 4.79 0.12 5.61
N ASP A 83 4.63 0.07 4.29
CA ASP A 83 3.35 0.44 3.70
C ASP A 83 2.27 -0.51 4.22
N ARG A 84 1.17 0.05 4.75
CA ARG A 84 0.03 -0.74 5.22
C ARG A 84 -1.30 -0.11 4.78
N PRO A 85 -1.63 -0.20 3.50
CA PRO A 85 -2.82 0.54 3.06
C PRO A 85 -4.10 -0.23 3.35
N PHE A 86 -5.09 0.48 3.88
CA PHE A 86 -6.43 -0.03 4.04
C PHE A 86 -7.33 0.50 2.91
N ILE A 87 -8.06 -0.40 2.27
CA ILE A 87 -8.96 -0.08 1.19
C ILE A 87 -10.35 -0.53 1.58
N ARG A 88 -11.29 0.41 1.55
CA ARG A 88 -12.65 0.18 2.04
C ARG A 88 -12.70 -0.53 3.39
N GLY A 89 -11.80 -0.16 4.30
CA GLY A 89 -11.81 -0.73 5.64
C GLY A 89 -10.98 -1.98 5.86
N TYR A 90 -10.38 -2.52 4.80
CA TYR A 90 -9.70 -3.81 4.88
C TYR A 90 -8.24 -3.72 4.44
N SER A 91 -7.36 -4.32 5.24
CA SER A 91 -5.93 -4.27 4.95
C SER A 91 -5.58 -4.85 3.60
N SER A 92 -4.75 -4.13 2.85
CA SER A 92 -4.26 -4.65 1.58
CA SER A 92 -4.25 -4.58 1.56
C SER A 92 -2.74 -4.85 1.62
N GLU A 93 -2.19 -4.82 2.82
CA GLU A 93 -0.77 -5.00 3.05
C GLU A 93 -0.22 -6.28 2.40
N SER A 94 -0.96 -7.38 2.51
CA SER A 94 -0.51 -8.67 1.92
C SER A 94 -0.92 -8.84 0.45
N SER A 95 -1.55 -7.81 -0.12
CA SER A 95 -2.11 -7.80 -1.50
C SER A 95 -1.59 -6.60 -2.27
N MET A 96 -0.27 -6.41 -2.22
N MET A 96 -0.27 -6.42 -2.20
CA MET A 96 0.38 -5.35 -3.00
CA MET A 96 0.46 -5.40 -2.95
C MET A 96 1.20 -5.99 -4.12
C MET A 96 1.14 -6.06 -4.14
N TYR A 97 1.01 -5.44 -5.32
CA TYR A 97 1.45 -6.03 -6.58
C TYR A 97 2.40 -5.07 -7.32
N ILE A 98 3.35 -5.66 -8.02
CA ILE A 98 4.22 -4.93 -8.93
C ILE A 98 4.01 -5.55 -10.32
N ASP A 99 3.48 -4.76 -11.24
CA ASP A 99 3.09 -5.26 -12.58
C ASP A 99 2.34 -6.58 -12.48
N GLY A 100 1.38 -6.63 -11.58
CA GLY A 100 0.49 -7.80 -11.52
C GLY A 100 1.01 -9.01 -10.80
N ILE A 101 2.19 -8.91 -10.22
CA ILE A 101 2.76 -10.00 -9.42
C ILE A 101 2.88 -9.55 -7.97
N ARG A 102 2.39 -10.38 -7.06
CA ARG A 102 2.39 -10.05 -5.63
C ARG A 102 3.83 -9.87 -5.14
N ASN A 103 4.07 -8.79 -4.41
CA ASN A 103 5.37 -8.54 -3.81
C ASN A 103 5.11 -7.85 -2.49
N SER A 104 4.54 -8.61 -1.56
CA SER A 104 4.00 -8.04 -0.32
C SER A 104 4.82 -8.31 0.92
N THR A 105 6.14 -8.25 0.79
CA THR A 105 7.00 -8.13 1.95
C THR A 105 6.96 -6.69 2.41
N SER A 106 7.24 -6.47 3.68
CA SER A 106 7.17 -5.11 4.18
C SER A 106 8.27 -4.23 3.57
N GLN A 107 7.82 -3.12 3.01
CA GLN A 107 8.69 -2.15 2.34
C GLN A 107 8.04 -0.78 2.41
N ASN A 108 8.86 0.26 2.32
CA ASN A 108 8.40 1.63 2.05
C ASN A 108 8.67 1.89 0.56
N ARG A 109 7.66 1.65 -0.27
CA ARG A 109 7.90 1.61 -1.72
C ARG A 109 8.12 3.02 -2.28
N GLU A 110 9.06 3.10 -3.23
CA GLU A 110 9.41 4.33 -3.93
C GLU A 110 8.63 4.53 -5.21
N MET A 111 8.61 5.77 -5.68
CA MET A 111 7.93 6.08 -6.94
C MET A 111 8.87 6.24 -8.15
N PHE A 112 10.19 6.16 -7.96
CA PHE A 112 11.10 6.56 -9.05
C PHE A 112 10.97 5.72 -10.30
N ALA A 113 10.67 4.43 -10.16
CA ALA A 113 10.52 3.58 -11.33
C ALA A 113 9.06 3.31 -11.69
N VAL A 114 8.16 4.10 -11.14
CA VAL A 114 6.72 3.87 -11.28
C VAL A 114 6.10 4.77 -12.36
N GLU A 115 5.42 4.15 -13.32
CA GLU A 115 4.62 4.86 -14.33
C GLU A 115 3.29 5.38 -13.76
N GLN A 116 2.54 4.47 -13.14
CA GLN A 116 1.26 4.80 -12.51
C GLN A 116 0.92 3.78 -11.44
N VAL A 117 -0.05 4.10 -10.58
CA VAL A 117 -0.46 3.19 -9.53
C VAL A 117 -1.96 2.92 -9.74
N GLU A 118 -2.33 1.65 -9.81
CA GLU A 118 -3.71 1.28 -10.01
C GLU A 118 -4.29 0.70 -8.75
N VAL A 119 -5.33 1.37 -8.23
CA VAL A 119 -6.00 0.91 -7.02
C VAL A 119 -7.35 0.26 -7.37
N THR A 120 -7.43 -1.04 -7.16
CA THR A 120 -8.66 -1.76 -7.32
C THR A 120 -9.40 -1.62 -6.02
N LYS A 121 -10.65 -1.20 -6.08
CA LYS A 121 -11.46 -1.08 -4.88
C LYS A 121 -12.61 -2.07 -4.95
N GLY A 122 -12.78 -2.84 -3.88
CA GLY A 122 -13.69 -3.97 -3.88
C GLY A 122 -12.97 -5.32 -3.91
N SER A 123 -13.65 -6.33 -3.41
CA SER A 123 -13.14 -7.70 -3.35
C SER A 123 -12.66 -8.18 -4.69
N ALA A 124 -11.45 -8.73 -4.72
CA ALA A 124 -10.87 -9.06 -6.01
C ALA A 124 -10.03 -10.32 -6.11
N SER A 125 -10.37 -11.35 -5.37
CA SER A 125 -9.58 -12.58 -5.41
C SER A 125 -9.58 -13.23 -6.78
N ALA A 126 -10.62 -13.07 -7.59
CA ALA A 126 -10.60 -13.72 -8.91
C ALA A 126 -9.46 -13.17 -9.77
N MET A 127 -9.06 -11.93 -9.50
CA MET A 127 -7.99 -11.28 -10.23
C MET A 127 -6.62 -11.53 -9.56
N GLY A 128 -6.61 -11.70 -8.24
CA GLY A 128 -5.34 -11.71 -7.50
C GLY A 128 -5.07 -12.89 -6.59
N GLY A 129 -6.04 -13.78 -6.41
CA GLY A 129 -5.89 -14.88 -5.47
C GLY A 129 -6.12 -14.48 -4.02
N ALA A 130 -5.38 -15.11 -3.12
CA ALA A 130 -5.56 -14.87 -1.71
C ALA A 130 -5.48 -13.38 -1.40
N GLY A 131 -6.36 -12.93 -0.51
CA GLY A 131 -6.38 -11.56 -0.09
C GLY A 131 -7.29 -10.72 -0.97
N SER A 132 -6.90 -9.48 -1.23
CA SER A 132 -7.74 -8.57 -1.99
C SER A 132 -9.19 -8.49 -1.39
N VAL A 133 -9.26 -8.37 -0.08
CA VAL A 133 -10.55 -8.33 0.63
C VAL A 133 -11.35 -7.07 0.29
N GLY A 134 -10.74 -5.92 0.49
CA GLY A 134 -11.39 -4.65 0.19
C GLY A 134 -10.90 -4.00 -1.08
N GLY A 135 -9.88 -4.58 -1.68
CA GLY A 135 -9.17 -3.98 -2.83
C GLY A 135 -7.71 -4.40 -2.86
N SER A 136 -6.96 -3.87 -3.82
CA SER A 136 -5.53 -4.14 -3.92
C SER A 136 -4.87 -3.04 -4.74
N ILE A 137 -3.56 -2.94 -4.58
CA ILE A 137 -2.76 -1.92 -5.22
C ILE A 137 -1.75 -2.59 -6.14
N ASN A 138 -1.63 -2.02 -7.35
CA ASN A 138 -0.75 -2.58 -8.37
C ASN A 138 0.09 -1.45 -8.92
N MET A 139 1.39 -1.49 -8.67
CA MET A 139 2.29 -0.45 -9.15
C MET A 139 2.83 -0.88 -10.53
N ILE A 140 2.67 -0.01 -11.51
CA ILE A 140 3.03 -0.30 -12.92
C ILE A 140 4.40 0.33 -13.16
N SER A 141 5.36 -0.47 -13.60
CA SER A 141 6.76 -0.04 -13.70
C SER A 141 7.02 0.59 -15.05
N LYS A 142 7.93 1.55 -15.06
CA LYS A 142 8.52 2.06 -16.28
C LYS A 142 9.41 0.98 -16.87
N VAL A 143 9.21 0.65 -18.12
CA VAL A 143 10.12 -0.27 -18.77
C VAL A 143 10.58 0.20 -20.19
N ALA A 144 11.66 -0.39 -20.66
CA ALA A 144 12.23 -0.05 -21.96
C ALA A 144 11.15 -0.11 -23.01
N LYS A 145 11.16 0.88 -23.89
CA LYS A 145 10.18 0.96 -24.94
C LYS A 145 10.72 1.72 -26.17
N LYS A 146 9.91 1.80 -27.22
CA LYS A 146 10.38 2.43 -28.45
C LYS A 146 10.56 3.95 -28.30
N GLY A 147 11.55 4.49 -29.00
CA GLY A 147 11.79 5.92 -28.98
C GLY A 147 12.89 6.27 -28.00
N ASP A 148 13.80 7.14 -28.41
CA ASP A 148 14.92 7.52 -27.57
C ASP A 148 14.54 8.68 -26.69
N PHE A 149 15.07 8.70 -25.46
CA PHE A 149 14.85 9.84 -24.57
C PHE A 149 15.79 9.84 -23.37
N LEU A 150 16.01 11.03 -22.83
CA LEU A 150 16.74 11.22 -21.59
C LEU A 150 16.00 12.23 -20.75
N GLU A 151 15.59 11.81 -19.55
CA GLU A 151 14.88 12.69 -18.61
C GLU A 151 15.62 12.70 -17.27
N GLY A 152 15.45 13.76 -16.51
CA GLY A 152 16.14 13.90 -15.26
C GLY A 152 15.53 14.98 -14.41
N SER A 153 15.88 14.95 -13.13
CA SER A 153 15.42 15.94 -12.19
C SER A 153 16.52 16.15 -11.17
N VAL A 154 16.77 17.41 -10.84
CA VAL A 154 17.62 17.73 -9.72
C VAL A 154 16.83 18.62 -8.80
N ALA A 155 16.73 18.25 -7.53
CA ALA A 155 15.85 19.00 -6.66
C ALA A 155 16.42 19.16 -5.28
N ALA A 156 16.07 20.28 -4.67
CA ALA A 156 16.47 20.57 -3.31
C ALA A 156 15.26 21.14 -2.59
N GLY A 157 15.16 20.91 -1.28
CA GLY A 157 14.02 21.39 -0.54
C GLY A 157 14.30 21.66 0.91
N THR A 158 13.31 22.21 1.59
CA THR A 158 13.47 22.52 2.99
C THR A 158 13.67 21.23 3.80
N ASP A 159 14.26 21.38 4.99
CA ASP A 159 14.60 20.26 5.87
C ASP A 159 15.47 19.22 5.19
N ASN A 160 16.47 19.73 4.47
CA ASN A 160 17.56 18.94 3.90
C ASN A 160 17.09 17.85 2.93
N TYR A 161 16.10 18.21 2.13
CA TYR A 161 15.68 17.39 0.99
C TYR A 161 16.62 17.59 -0.19
N GLN A 162 17.15 16.49 -0.72
CA GLN A 162 17.86 16.50 -2.01
C GLN A 162 17.51 15.25 -2.76
N ARG A 163 17.19 15.39 -4.03
CA ARG A 163 16.78 14.25 -4.84
C ARG A 163 17.25 14.42 -6.27
N ILE A 164 17.87 13.39 -6.81
CA ILE A 164 18.25 13.39 -8.22
C ILE A 164 17.71 12.13 -8.83
N THR A 165 17.04 12.26 -9.96
CA THR A 165 16.67 11.10 -10.76
C THR A 165 17.15 11.30 -12.19
N LEU A 166 17.45 10.18 -12.85
CA LEU A 166 17.83 10.17 -14.26
C LEU A 166 17.15 8.99 -14.89
N ASP A 167 16.57 9.18 -16.07
CA ASP A 167 15.81 8.13 -16.77
C ASP A 167 16.18 8.20 -18.28
N GLY A 168 16.93 7.23 -18.76
CA GLY A 168 17.36 7.22 -20.17
C GLY A 168 16.89 5.97 -20.89
N ASN A 169 16.41 6.14 -22.12
CA ASN A 169 15.92 5.03 -22.93
C ASN A 169 16.52 5.13 -24.35
N LYS A 170 17.18 4.07 -24.79
CA LYS A 170 17.83 4.04 -26.09
C LYS A 170 17.18 2.96 -26.96
N ASP A 171 16.60 3.39 -28.08
CA ASP A 171 16.01 2.51 -29.09
C ASP A 171 17.07 2.21 -30.15
N PHE A 172 17.53 0.97 -30.23
CA PHE A 172 18.62 0.63 -31.17
C PHE A 172 18.12 0.54 -32.61
N GLY A 173 16.83 0.83 -32.84
CA GLY A 173 16.23 0.77 -34.17
C GLY A 173 16.07 -0.59 -34.85
N ASN A 174 16.30 -1.68 -34.13
CA ASN A 174 16.16 -3.04 -34.67
C ASN A 174 15.23 -3.89 -33.81
N GLY A 175 14.29 -3.22 -33.13
CA GLY A 175 13.37 -3.89 -32.24
C GLY A 175 13.85 -4.01 -30.79
N ILE A 176 15.09 -3.57 -30.54
CA ILE A 176 15.71 -3.64 -29.21
C ILE A 176 15.75 -2.25 -28.63
N ALA A 177 15.33 -2.13 -27.37
CA ALA A 177 15.50 -0.89 -26.64
C ALA A 177 15.91 -1.20 -25.19
N ALA A 178 16.65 -0.28 -24.57
CA ALA A 178 17.13 -0.47 -23.20
C ALA A 178 16.88 0.80 -22.44
N ARG A 179 16.59 0.68 -21.14
CA ARG A 179 16.22 1.82 -20.33
C ARG A 179 16.86 1.66 -18.96
N VAL A 180 17.23 2.76 -18.33
CA VAL A 180 17.68 2.71 -16.95
C VAL A 180 17.21 3.96 -16.22
N ALA A 181 16.63 3.77 -15.02
CA ALA A 181 16.34 4.88 -14.12
C ALA A 181 17.23 4.76 -12.89
N VAL A 182 17.71 5.88 -12.40
CA VAL A 182 18.60 5.88 -11.25
C VAL A 182 18.10 6.94 -10.28
N LEU A 183 18.31 6.69 -8.98
CA LEU A 183 17.76 7.52 -7.92
C LEU A 183 18.81 7.69 -6.84
N GLY A 184 18.92 8.93 -6.39
CA GLY A 184 19.58 9.28 -5.14
C GLY A 184 18.70 10.22 -4.37
N HIS A 185 18.43 9.92 -3.10
CA HIS A 185 17.46 10.71 -2.35
C HIS A 185 17.78 10.80 -0.88
N GLN A 186 17.58 11.98 -0.30
CA GLN A 186 17.60 12.14 1.15
C GLN A 186 16.65 13.22 1.56
N ASN A 187 16.05 13.05 2.73
CA ASN A 187 15.28 14.12 3.36
C ASN A 187 15.11 13.85 4.84
N GLU A 188 14.98 14.93 5.60
CA GLU A 188 14.51 14.85 6.97
C GLU A 188 13.01 14.99 6.93
N LYS A 189 12.31 14.35 7.86
CA LYS A 189 10.87 14.50 7.93
C LYS A 189 10.56 15.98 8.17
N ALA A 190 9.71 16.54 7.34
CA ALA A 190 9.50 18.00 7.35
C ALA A 190 8.84 18.44 8.65
N GLY A 191 9.44 19.45 9.27
CA GLY A 191 8.91 20.04 10.50
C GLY A 191 9.28 19.30 11.75
N GLN A 192 9.98 18.19 11.61
CA GLN A 192 10.36 17.37 12.77
C GLN A 192 11.88 17.43 13.01
N SER A 193 12.36 18.47 13.69
CA SER A 193 13.79 18.63 14.00
C SER A 193 14.38 17.50 14.84
N ASN A 194 15.62 17.16 14.52
CA ASN A 194 16.37 16.12 15.18
C ASN A 194 15.52 14.87 15.27
N GLY A 195 14.91 14.55 14.13
CA GLY A 195 13.91 13.51 14.05
C GLY A 195 14.20 12.52 12.94
N ALA A 196 13.14 12.05 12.30
CA ALA A 196 13.31 10.97 11.34
C ALA A 196 14.09 11.48 10.13
N GLU A 197 14.86 10.59 9.51
CA GLU A 197 15.70 10.94 8.35
C GLU A 197 15.66 9.81 7.36
N TYR A 198 15.65 10.14 6.08
CA TYR A 198 15.53 9.14 5.03
C TYR A 198 16.68 9.27 4.06
N LYS A 199 17.28 8.14 3.68
CA LYS A 199 18.32 8.14 2.64
C LYS A 199 18.14 6.90 1.80
N ARG A 200 18.14 7.06 0.49
CA ARG A 200 18.02 5.90 -0.35
C ARG A 200 18.62 6.07 -1.75
N VAL A 201 18.97 4.95 -2.35
N VAL A 201 18.99 4.94 -2.34
CA VAL A 201 19.51 4.88 -3.69
CA VAL A 201 19.51 4.87 -3.70
C VAL A 201 18.85 3.71 -4.42
C VAL A 201 18.82 3.73 -4.42
N GLY A 202 18.58 3.91 -5.70
CA GLY A 202 18.00 2.86 -6.50
C GLY A 202 18.45 2.88 -7.95
N ILE A 203 18.26 1.75 -8.61
CA ILE A 203 18.48 1.65 -10.02
C ILE A 203 17.49 0.65 -10.59
N ALA A 204 17.03 0.92 -11.81
CA ALA A 204 16.05 0.07 -12.48
C ALA A 204 16.36 0.00 -13.98
N PRO A 205 17.26 -0.89 -14.38
CA PRO A 205 17.57 -1.13 -15.77
C PRO A 205 16.71 -2.21 -16.40
N SER A 206 16.33 -2.01 -17.66
CA SER A 206 15.68 -3.08 -18.40
C SER A 206 16.05 -3.07 -19.88
N ILE A 207 15.78 -4.19 -20.55
CA ILE A 207 15.96 -4.25 -21.98
C ILE A 207 14.87 -5.09 -22.60
N THR A 208 14.38 -4.64 -23.74
CA THR A 208 13.29 -5.33 -24.43
C THR A 208 13.70 -5.63 -25.90
N PHE A 209 13.21 -6.76 -26.41
CA PHE A 209 13.56 -7.31 -27.71
C PHE A 209 12.27 -7.59 -28.49
N GLY A 210 12.30 -7.41 -29.81
CA GLY A 210 11.14 -7.78 -30.64
C GLY A 210 10.04 -6.73 -30.69
N LEU A 211 10.40 -5.50 -30.37
CA LEU A 211 9.46 -4.42 -30.46
C LEU A 211 8.76 -4.46 -31.81
N ASP A 212 7.45 -4.27 -31.80
CA ASP A 212 6.64 -4.21 -33.03
C ASP A 212 6.66 -5.50 -33.83
N THR A 213 6.97 -6.61 -33.18
CA THR A 213 6.91 -7.91 -33.82
C THR A 213 6.08 -8.86 -32.97
N PRO A 214 5.78 -10.06 -33.52
CA PRO A 214 4.93 -11.06 -32.86
C PRO A 214 5.59 -11.79 -31.70
N THR A 215 6.89 -11.61 -31.51
CA THR A 215 7.61 -12.36 -30.49
C THR A 215 8.51 -11.41 -29.71
N ARG A 216 8.27 -11.34 -28.40
CA ARG A 216 8.85 -10.25 -27.60
C ARG A 216 9.42 -10.80 -26.30
N ALA A 217 10.46 -10.15 -25.80
CA ALA A 217 11.06 -10.56 -24.53
C ALA A 217 11.50 -9.30 -23.82
N THR A 218 11.28 -9.26 -22.51
CA THR A 218 11.67 -8.10 -21.68
C THR A 218 12.37 -8.63 -20.43
N LEU A 219 13.59 -8.15 -20.19
CA LEU A 219 14.39 -8.48 -19.00
C LEU A 219 14.47 -7.20 -18.17
N SER A 220 14.15 -7.29 -16.88
CA SER A 220 14.20 -6.08 -16.07
C SER A 220 14.70 -6.39 -14.66
N TYR A 221 15.25 -5.35 -14.03
CA TYR A 221 15.80 -5.46 -12.71
C TYR A 221 15.46 -4.20 -11.98
N TYR A 222 15.21 -4.33 -10.68
CA TYR A 222 14.88 -3.22 -9.82
C TYR A 222 15.67 -3.40 -8.52
N TYR A 223 16.24 -2.31 -8.06
CA TYR A 223 17.01 -2.29 -6.82
C TYR A 223 16.73 -1.00 -6.09
N LEU A 224 16.48 -1.12 -4.79
CA LEU A 224 16.34 0.00 -3.90
C LEU A 224 16.90 -0.35 -2.54
N GLN A 225 17.70 0.56 -2.00
CA GLN A 225 18.30 0.34 -0.70
C GLN A 225 18.19 1.60 0.14
N THR A 226 17.76 1.45 1.38
CA THR A 226 17.51 2.59 2.26
C THR A 226 18.35 2.52 3.51
N ASP A 227 18.54 3.68 4.15
CA ASP A 227 19.32 3.80 5.38
C ASP A 227 18.71 4.96 6.16
N ASP A 228 17.79 4.65 7.06
CA ASP A 228 16.94 5.66 7.66
C ASP A 228 17.12 5.73 9.18
N LYS A 229 16.73 6.86 9.73
CA LYS A 229 16.44 6.96 11.16
C LYS A 229 14.89 6.99 11.22
N PRO A 230 14.26 5.92 11.72
CA PRO A 230 12.82 5.74 11.51
C PRO A 230 11.96 6.61 12.41
N ASP A 231 10.77 6.93 11.93
CA ASP A 231 9.85 7.71 12.70
C ASP A 231 9.33 6.98 13.91
N SER A 232 8.88 7.76 14.87
CA SER A 232 8.19 7.31 16.04
C SER A 232 6.74 7.78 15.84
N GLY A 233 6.10 8.17 16.91
CA GLY A 233 4.75 8.69 16.83
C GLY A 233 4.43 9.55 18.03
N ILE A 234 3.15 9.89 18.18
CA ILE A 234 2.66 10.69 19.30
C ILE A 234 1.72 9.82 20.13
N PRO A 235 1.99 9.72 21.44
CA PRO A 235 1.20 8.78 22.26
C PRO A 235 -0.22 9.27 22.48
N TYR A 236 -1.18 8.35 22.56
CA TYR A 236 -2.56 8.74 22.91
C TYR A 236 -2.58 9.16 24.38
N TRP A 237 -3.33 10.20 24.70
CA TRP A 237 -3.50 10.61 26.09
C TRP A 237 -4.79 11.38 26.30
N ASP A 238 -5.42 11.05 27.42
CA ASP A 238 -6.59 11.78 27.91
C ASP A 238 -6.31 12.27 29.34
N SER A 239 -6.08 13.57 29.48
CA SER A 239 -5.65 14.16 30.75
C SER A 239 -6.75 14.03 31.81
N SER A 240 -8.00 14.18 31.39
CA SER A 240 -9.16 14.02 32.29
C SER A 240 -9.18 12.65 32.95
N LEU A 241 -8.91 11.60 32.18
CA LEU A 241 -8.93 10.26 32.73
C LEU A 241 -7.59 9.83 33.26
N GLY A 242 -6.50 10.51 32.90
CA GLY A 242 -5.18 9.95 33.22
C GLY A 242 -4.90 8.60 32.57
N LYS A 243 -5.32 8.43 31.31
CA LYS A 243 -5.15 7.16 30.62
C LYS A 243 -4.71 7.36 29.19
N ALA A 244 -4.08 6.32 28.66
CA ALA A 244 -3.56 6.32 27.31
C ALA A 244 -4.67 6.06 26.29
N GLN A 245 -5.58 7.03 26.16
CA GLN A 245 -6.68 6.90 25.21
C GLN A 245 -7.08 8.28 24.74
N GLY A 246 -8.06 8.34 23.85
CA GLY A 246 -8.44 9.59 23.24
C GLY A 246 -7.60 9.92 22.02
N LYS A 247 -7.26 11.19 21.89
CA LYS A 247 -6.53 11.69 20.78
C LYS A 247 -5.07 11.72 21.14
N PRO A 248 -4.22 11.99 20.15
CA PRO A 248 -2.81 12.11 20.48
C PRO A 248 -2.54 13.28 21.49
N ALA A 249 -1.53 13.09 22.33
CA ALA A 249 -1.13 14.08 23.31
C ALA A 249 -0.96 15.44 22.69
N GLU A 250 -1.31 16.47 23.46
CA GLU A 250 -1.11 17.86 23.03
C GLU A 250 0.33 18.28 23.31
N VAL A 251 1.22 18.02 22.35
CA VAL A 251 2.61 18.36 22.43
C VAL A 251 2.96 19.12 21.17
N LYS A 252 4.10 19.78 21.20
CA LYS A 252 4.49 20.64 20.09
C LYS A 252 4.54 19.86 18.77
N GLN A 253 4.07 20.50 17.72
CA GLN A 253 4.11 19.93 16.38
C GLN A 253 5.53 19.49 16.06
N GLY A 254 5.68 18.31 15.46
CA GLY A 254 6.99 17.84 15.05
C GLY A 254 7.89 17.30 16.16
N THR A 255 7.32 17.00 17.31
CA THR A 255 8.09 16.38 18.41
C THR A 255 8.44 14.93 18.05
N TYR A 256 9.70 14.56 18.26
CA TYR A 256 10.19 13.21 17.95
C TYR A 256 10.59 12.45 19.19
N TYR A 257 9.95 11.30 19.42
CA TYR A 257 10.24 10.47 20.57
C TYR A 257 11.11 9.26 20.29
N GLY A 258 11.65 9.18 19.07
CA GLY A 258 12.60 8.15 18.76
C GLY A 258 13.96 8.40 19.41
N TRP A 259 14.83 7.42 19.31
CA TRP A 259 16.12 7.42 19.98
C TRP A 259 17.17 7.23 18.90
N LYS A 260 17.71 8.35 18.41
CA LYS A 260 18.46 8.31 17.18
C LYS A 260 19.74 7.51 17.25
N ASP A 261 20.37 7.46 18.43
CA ASP A 261 21.59 6.68 18.60
C ASP A 261 21.30 5.18 18.66
N ARG A 262 20.03 4.80 18.87
CA ARG A 262 19.63 3.38 18.96
C ARG A 262 18.89 2.88 17.71
N ASP A 263 17.96 3.71 17.23
CA ASP A 263 16.96 3.31 16.23
C ASP A 263 17.57 3.39 14.83
N PHE A 264 17.07 2.57 13.92
CA PHE A 264 17.55 2.58 12.54
C PHE A 264 16.57 1.76 11.70
N GLN A 265 16.63 1.94 10.40
CA GLN A 265 15.95 1.03 9.50
C GLN A 265 16.67 0.97 8.19
N LYS A 266 16.93 -0.24 7.76
CA LYS A 266 17.58 -0.50 6.51
C LYS A 266 16.78 -1.53 5.70
N GLN A 267 16.32 -1.10 4.55
CA GLN A 267 15.60 -1.99 3.66
C GLN A 267 16.45 -2.19 2.42
N GLU A 268 16.32 -3.38 1.85
CA GLU A 268 17.00 -3.68 0.59
C GLU A 268 16.16 -4.61 -0.25
N ASN A 269 15.83 -4.16 -1.45
CA ASN A 269 14.95 -4.89 -2.33
C ASN A 269 15.55 -5.04 -3.72
N HIS A 270 15.46 -6.28 -4.23
CA HIS A 270 15.88 -6.61 -5.58
C HIS A 270 14.75 -7.33 -6.24
N ILE A 271 14.43 -6.97 -7.49
CA ILE A 271 13.47 -7.75 -8.27
C ILE A 271 14.04 -7.98 -9.69
N GLY A 272 14.02 -9.22 -10.14
CA GLY A 272 14.45 -9.60 -11.49
C GLY A 272 13.27 -10.25 -12.20
N THR A 273 12.97 -9.79 -13.42
CA THR A 273 11.81 -10.28 -14.17
C THR A 273 12.20 -10.65 -15.60
N ILE A 274 11.68 -11.78 -16.06
CA ILE A 274 11.75 -12.18 -17.46
C ILE A 274 10.35 -12.40 -18.01
N LYS A 275 9.96 -11.60 -18.98
CA LYS A 275 8.65 -11.70 -19.60
C LYS A 275 8.79 -12.03 -21.07
N LEU A 276 8.18 -13.15 -21.47
CA LEU A 276 8.20 -13.63 -22.86
C LEU A 276 6.78 -13.60 -23.40
N GLU A 277 6.61 -13.05 -24.59
CA GLU A 277 5.30 -12.96 -25.23
C GLU A 277 5.37 -13.50 -26.66
N HIS A 278 4.34 -14.22 -27.06
CA HIS A 278 4.22 -14.65 -28.47
C HIS A 278 2.78 -14.51 -28.93
N ASP A 279 2.60 -13.78 -30.03
CA ASP A 279 1.29 -13.62 -30.64
C ASP A 279 0.96 -14.82 -31.54
N LEU A 280 0.11 -15.69 -31.03
CA LEU A 280 -0.31 -16.87 -31.76
C LEU A 280 -1.16 -16.50 -32.96
N THR A 281 -1.91 -15.42 -32.86
CA THR A 281 -2.56 -14.83 -34.03
C THR A 281 -2.51 -13.36 -33.80
N ASP A 282 -3.06 -12.57 -34.70
CA ASP A 282 -3.15 -11.13 -34.46
C ASP A 282 -4.01 -10.77 -33.24
N ASN A 283 -4.78 -11.73 -32.73
CA ASN A 283 -5.69 -11.42 -31.61
C ASN A 283 -5.51 -12.28 -30.35
N ILE A 284 -4.56 -13.22 -30.37
CA ILE A 284 -4.32 -14.09 -29.23
C ILE A 284 -2.83 -14.16 -28.92
N THR A 285 -2.50 -13.89 -27.66
CA THR A 285 -1.12 -13.79 -27.20
C THR A 285 -0.94 -14.73 -26.01
N ILE A 286 0.19 -15.45 -25.98
CA ILE A 286 0.59 -16.23 -24.82
C ILE A 286 1.77 -15.53 -24.18
N THR A 287 1.69 -15.35 -22.85
CA THR A 287 2.72 -14.60 -22.10
C THR A 287 3.16 -15.43 -20.91
N ASN A 288 4.47 -15.52 -20.67
CA ASN A 288 5.02 -16.08 -19.46
C ASN A 288 5.85 -15.02 -18.76
N THR A 289 5.58 -14.83 -17.49
CA THR A 289 6.33 -13.88 -16.68
C THR A 289 6.94 -14.64 -15.50
N ALA A 290 8.25 -14.57 -15.38
CA ALA A 290 8.96 -15.16 -14.25
C ALA A 290 9.57 -14.00 -13.45
N MET A 291 9.34 -13.98 -12.13
CA MET A 291 9.82 -12.89 -11.24
C MET A 291 10.51 -13.48 -10.03
N TYR A 292 11.69 -12.94 -9.73
CA TYR A 292 12.50 -13.37 -8.63
C TYR A 292 12.65 -12.14 -7.73
N ALA A 293 12.31 -12.25 -6.45
CA ALA A 293 12.39 -11.09 -5.58
C ALA A 293 13.17 -11.42 -4.31
N LYS A 294 13.99 -10.48 -3.88
CA LYS A 294 14.71 -10.62 -2.62
C LYS A 294 14.39 -9.37 -1.82
N SER A 295 13.99 -9.53 -0.57
CA SER A 295 13.55 -8.39 0.22
C SER A 295 14.06 -8.53 1.66
N LYS A 296 14.82 -7.53 2.09
CA LYS A 296 15.36 -7.48 3.45
C LYS A 296 14.87 -6.27 4.21
N ASN A 297 14.67 -6.45 5.51
CA ASN A 297 14.23 -5.38 6.38
C ASN A 297 14.91 -5.59 7.71
N ASP A 298 15.49 -4.52 8.25
CA ASP A 298 16.26 -4.60 9.47
C ASP A 298 16.02 -3.30 10.21
N TYR A 299 15.32 -3.37 11.34
CA TYR A 299 14.88 -2.17 12.00
C TYR A 299 14.75 -2.25 13.51
N VAL A 300 14.93 -1.08 14.10
CA VAL A 300 14.65 -0.79 15.51
C VAL A 300 13.99 0.59 15.55
N TRP A 301 12.78 0.67 16.08
CA TRP A 301 12.11 1.97 16.19
C TRP A 301 11.34 2.07 17.51
N THR A 302 10.92 3.29 17.82
CA THR A 302 10.39 3.60 19.14
C THR A 302 8.89 3.78 19.15
N ASN A 303 8.23 2.99 20.00
CA ASN A 303 6.84 3.23 20.39
C ASN A 303 6.87 4.24 21.56
N PRO A 304 6.22 5.41 21.39
CA PRO A 304 6.27 6.44 22.45
C PRO A 304 5.41 6.07 23.68
N ASP A 305 6.08 5.47 24.65
CA ASP A 305 5.58 5.13 25.99
C ASP A 305 4.79 3.83 26.15
N ASP A 306 4.29 3.27 25.05
CA ASP A 306 3.67 1.93 25.12
C ASP A 306 2.56 1.90 26.18
N SER A 307 1.82 3.00 26.28
CA SER A 307 0.69 3.15 27.22
C SER A 307 1.07 2.90 28.69
N LYS A 308 2.32 3.11 29.05
CA LYS A 308 2.73 2.84 30.41
C LYS A 308 2.34 3.91 31.42
N GLY A 309 1.81 5.04 30.96
CA GLY A 309 1.33 6.08 31.87
C GLY A 309 2.37 7.16 32.20
N ASN A 310 3.57 7.06 31.66
CA ASN A 310 4.59 8.05 31.97
C ASN A 310 4.26 9.39 31.39
N VAL A 311 3.43 9.38 30.35
CA VAL A 311 2.98 10.61 29.73
C VAL A 311 2.31 11.58 30.75
N GLY A 312 1.58 11.00 31.68
CA GLY A 312 0.89 11.76 32.72
C GLY A 312 1.84 12.30 33.77
N LYS A 313 3.12 11.90 33.69
CA LYS A 313 4.17 12.49 34.55
C LYS A 313 5.23 13.24 33.73
N GLY A 314 4.86 13.56 32.50
CA GLY A 314 5.66 14.38 31.60
C GLY A 314 6.88 13.66 31.01
N LEU A 315 6.82 12.34 30.96
CA LEU A 315 7.92 11.54 30.44
C LEU A 315 7.41 10.53 29.37
N VAL A 316 8.34 10.08 28.53
CA VAL A 316 8.06 9.07 27.49
C VAL A 316 9.14 8.03 27.49
N TRP A 317 8.74 6.78 27.70
CA TRP A 317 9.61 5.62 27.66
C TRP A 317 9.85 5.17 26.22
N HIS A 318 11.11 4.97 25.84
CA HIS A 318 11.45 4.57 24.47
C HIS A 318 11.27 3.05 24.27
N ARG A 319 10.03 2.58 24.22
CA ARG A 319 9.72 1.17 23.96
C ARG A 319 10.32 0.76 22.63
N LEU A 320 11.03 -0.36 22.62
CA LEU A 320 11.71 -0.84 21.40
C LEU A 320 10.84 -1.85 20.64
N ASN A 321 10.73 -1.62 19.34
CA ASN A 321 10.14 -2.54 18.37
C ASN A 321 11.24 -2.85 17.35
N SER A 322 11.34 -4.11 16.94
CA SER A 322 12.37 -4.52 16.03
C SER A 322 11.95 -5.72 15.22
N ALA A 323 12.64 -5.89 14.09
CA ALA A 323 12.59 -7.13 13.31
C ALA A 323 13.78 -7.18 12.36
N ILE A 324 14.15 -8.39 11.96
CA ILE A 324 15.14 -8.62 10.93
C ILE A 324 14.56 -9.68 10.03
N THR A 325 14.25 -9.34 8.79
CA THR A 325 13.66 -10.28 7.89
C THR A 325 14.48 -10.40 6.61
N ASP A 326 14.43 -11.59 6.04
CA ASP A 326 15.11 -11.86 4.76
C ASP A 326 14.24 -12.82 3.99
N SER A 327 13.68 -12.32 2.90
CA SER A 327 12.73 -13.08 2.12
C SER A 327 13.17 -13.23 0.66
N GLU A 328 12.90 -14.40 0.09
CA GLU A 328 13.08 -14.65 -1.34
C GLU A 328 11.81 -15.25 -1.92
N THR A 329 11.41 -14.73 -3.07
CA THR A 329 10.16 -15.20 -3.69
C THR A 329 10.39 -15.48 -5.17
N PHE A 330 9.83 -16.57 -5.67
CA PHE A 330 9.77 -16.84 -7.10
C PHE A 330 8.32 -16.95 -7.50
N THR A 331 7.96 -16.27 -8.59
CA THR A 331 6.61 -16.37 -9.13
C THR A 331 6.69 -16.60 -10.63
N ASP A 332 5.85 -17.48 -11.16
CA ASP A 332 5.68 -17.61 -12.60
C ASP A 332 4.19 -17.52 -12.93
N GLN A 333 3.84 -16.63 -13.85
CA GLN A 333 2.47 -16.51 -14.38
C GLN A 333 2.47 -16.81 -15.87
N LEU A 334 1.57 -17.68 -16.30
CA LEU A 334 1.38 -18.02 -17.71
C LEU A 334 -0.04 -17.64 -18.07
N ALA A 335 -0.21 -16.74 -19.05
CA ALA A 335 -1.52 -16.19 -19.37
C ALA A 335 -1.72 -16.21 -20.88
N LEU A 336 -2.87 -16.70 -21.28
CA LEU A 336 -3.32 -16.60 -22.68
C LEU A 336 -4.40 -15.52 -22.73
N THR A 337 -4.15 -14.49 -23.52
CA THR A 337 -5.06 -13.37 -23.61
C THR A 337 -5.48 -13.10 -25.05
N GLY A 338 -6.57 -12.38 -25.20
CA GLY A 338 -6.93 -11.88 -26.52
C GLY A 338 -8.42 -11.78 -26.70
N LYS A 339 -8.85 -11.90 -27.95
CA LYS A 339 -10.27 -11.86 -28.24
C LYS A 339 -10.66 -12.87 -29.29
N PHE A 340 -11.88 -13.37 -29.15
CA PHE A 340 -12.48 -14.30 -30.09
C PHE A 340 -13.94 -13.93 -30.30
N ASP A 341 -14.32 -13.70 -31.54
CA ASP A 341 -15.71 -13.35 -31.89
C ASP A 341 -16.34 -14.54 -32.59
N THR A 342 -17.31 -15.18 -31.93
CA THR A 342 -18.00 -16.35 -32.50
C THR A 342 -18.96 -16.00 -33.65
N GLY A 343 -19.14 -14.71 -33.91
CA GLY A 343 -20.16 -14.24 -34.83
C GLY A 343 -21.27 -13.55 -34.07
N PHE A 344 -21.73 -14.19 -33.00
CA PHE A 344 -22.77 -13.61 -32.17
C PHE A 344 -22.22 -12.96 -30.89
N LEU A 345 -21.26 -13.62 -30.25
CA LEU A 345 -20.64 -13.13 -29.01
C LEU A 345 -19.18 -12.74 -29.26
N LYS A 346 -18.76 -11.60 -28.71
CA LYS A 346 -17.34 -11.24 -28.73
C LYS A 346 -16.71 -11.43 -27.35
N HIS A 347 -15.75 -12.33 -27.27
CA HIS A 347 -15.06 -12.63 -26.00
C HIS A 347 -13.76 -11.87 -25.90
N ARG A 348 -13.57 -11.23 -24.75
CA ARG A 348 -12.31 -10.62 -24.39
C ARG A 348 -11.82 -11.32 -23.13
N PHE A 349 -10.71 -12.03 -23.24
CA PHE A 349 -10.38 -13.01 -22.21
C PHE A 349 -8.92 -12.98 -21.72
N ASN A 350 -8.74 -13.58 -20.58
CA ASN A 350 -7.44 -13.81 -19.99
C ASN A 350 -7.64 -15.07 -19.19
N VAL A 351 -6.97 -16.14 -19.63
N VAL A 351 -6.95 -16.13 -19.61
CA VAL A 351 -7.01 -17.41 -18.91
CA VAL A 351 -6.99 -17.42 -18.96
C VAL A 351 -5.57 -17.81 -18.60
C VAL A 351 -5.55 -17.80 -18.59
N GLY A 352 -5.35 -18.43 -17.45
CA GLY A 352 -3.98 -18.63 -16.99
C GLY A 352 -3.77 -19.43 -15.75
N ALA A 353 -2.49 -19.51 -15.37
CA ALA A 353 -2.08 -20.30 -14.26
C ALA A 353 -0.92 -19.58 -13.58
N GLU A 354 -0.73 -19.84 -12.29
CA GLU A 354 0.33 -19.18 -11.56
C GLU A 354 0.92 -20.11 -10.53
N TYR A 355 2.21 -19.98 -10.29
CA TYR A 355 2.89 -20.69 -9.23
C TYR A 355 3.75 -19.67 -8.47
N SER A 356 3.78 -19.75 -7.15
CA SER A 356 4.78 -18.98 -6.40
C SER A 356 5.25 -19.68 -5.18
N LYS A 357 6.48 -19.38 -4.79
CA LYS A 357 7.00 -19.91 -3.56
C LYS A 357 7.87 -18.87 -2.89
N GLN A 358 7.60 -18.66 -1.62
CA GLN A 358 8.29 -17.64 -0.84
C GLN A 358 8.87 -18.26 0.40
N LYS A 359 10.10 -17.90 0.73
CA LYS A 359 10.76 -18.34 1.95
C LYS A 359 11.33 -17.14 2.69
N THR A 360 11.06 -17.09 3.98
CA THR A 360 11.42 -15.93 4.83
C THR A 360 12.06 -16.42 6.11
N ASP A 361 13.19 -15.82 6.46
CA ASP A 361 13.77 -15.94 7.79
C ASP A 361 13.42 -14.68 8.60
N LYS A 362 13.04 -14.87 9.87
CA LYS A 362 12.72 -13.73 10.72
C LYS A 362 13.39 -13.82 12.07
N GLY A 363 13.95 -12.69 12.49
CA GLY A 363 14.50 -12.53 13.84
C GLY A 363 14.16 -11.15 14.37
N GLY A 364 14.80 -10.79 15.46
CA GLY A 364 14.65 -9.47 16.06
C GLY A 364 15.81 -9.24 16.97
N TYR A 365 15.74 -8.18 17.76
CA TYR A 365 16.86 -7.80 18.62
C TYR A 365 16.56 -8.02 20.07
N ASN A 366 17.52 -8.63 20.77
CA ASN A 366 17.58 -8.54 22.22
C ASN A 366 18.35 -7.29 22.61
N ILE A 367 17.96 -6.69 23.73
CA ILE A 367 18.66 -5.57 24.34
C ILE A 367 19.34 -6.10 25.61
N ILE A 368 20.62 -5.80 25.77
CA ILE A 368 21.41 -6.36 26.88
C ILE A 368 22.08 -5.20 27.60
N ASP A 369 21.83 -5.07 28.89
CA ASP A 369 22.45 -3.96 29.62
C ASP A 369 23.80 -4.40 30.23
N ALA A 370 24.44 -3.49 30.96
CA ALA A 370 25.82 -3.69 31.39
C ALA A 370 25.91 -4.82 32.43
N LYS A 371 24.82 -5.13 33.12
CA LYS A 371 24.80 -6.24 34.06
C LYS A 371 24.34 -7.56 33.44
N GLY A 372 24.07 -7.56 32.15
CA GLY A 372 23.69 -8.78 31.47
C GLY A 372 22.20 -9.10 31.47
N ASN A 373 21.37 -8.20 31.97
CA ASN A 373 19.92 -8.37 31.84
C ASN A 373 19.55 -8.26 30.36
N VAL A 374 18.57 -9.06 29.95
CA VAL A 374 18.11 -9.14 28.56
C VAL A 374 16.62 -8.82 28.46
N SER A 375 16.24 -8.00 27.47
CA SER A 375 14.82 -7.72 27.19
C SER A 375 14.65 -7.61 25.69
N SER A 376 13.44 -7.85 25.22
CA SER A 376 13.09 -7.60 23.84
C SER A 376 12.31 -6.30 23.68
N THR A 377 12.00 -5.63 24.80
CA THR A 377 11.11 -4.48 24.83
C THR A 377 11.80 -3.23 25.37
N GLY A 378 12.62 -3.38 26.42
CA GLY A 378 13.35 -2.26 26.96
C GLY A 378 13.52 -2.26 28.46
N PHE A 379 14.28 -1.29 28.97
CA PHE A 379 14.52 -1.17 30.41
C PHE A 379 13.88 0.09 30.97
N TYR A 380 13.56 0.04 32.27
CA TYR A 380 13.04 1.19 33.02
C TYR A 380 11.77 1.75 32.42
N SER A 381 10.82 0.87 32.15
CA SER A 381 9.55 1.30 31.57
C SER A 381 8.74 2.18 32.53
N ASP A 382 9.14 2.21 33.79
CA ASP A 382 8.55 3.12 34.77
C ASP A 382 9.36 4.43 34.95
N CYS A 383 10.37 4.63 34.12
CA CYS A 383 11.16 5.87 34.11
C CYS A 383 11.77 6.19 35.49
N SER A 384 12.10 5.16 36.26
CA SER A 384 12.63 5.33 37.62
C SER A 384 14.11 5.68 37.61
N ASP A 385 14.79 5.41 36.52
CA ASP A 385 16.23 5.64 36.43
C ASP A 385 16.54 6.08 35.01
N LEU A 386 17.02 7.31 34.86
CA LEU A 386 17.30 7.85 33.52
C LEU A 386 18.79 7.82 33.16
N SER A 387 19.60 7.16 33.97
CA SER A 387 21.04 7.21 33.73
C SER A 387 21.47 6.56 32.42
N THR A 388 20.65 5.68 31.87
CA THR A 388 20.98 5.11 30.55
C THR A 388 19.98 5.56 29.46
N ASN A 389 19.24 6.64 29.76
CA ASN A 389 18.49 7.41 28.77
C ASN A 389 17.25 6.70 28.17
N TRP A 390 16.67 5.76 28.92
CA TRP A 390 15.54 4.98 28.47
C TRP A 390 14.22 5.74 28.38
N CYS A 391 14.12 6.88 29.06
CA CYS A 391 12.98 7.76 28.93
C CYS A 391 13.45 9.15 28.57
N THR A 392 12.59 9.89 27.90
CA THR A 392 12.90 11.27 27.53
C THR A 392 11.76 12.18 28.00
N SER A 393 11.92 13.48 27.79
CA SER A 393 10.90 14.43 28.21
C SER A 393 9.72 14.42 27.24
N LEU A 394 8.51 14.42 27.76
CA LEU A 394 7.32 14.55 26.91
C LEU A 394 7.40 15.88 26.14
N ASN A 395 7.73 16.93 26.86
CA ASN A 395 7.89 18.23 26.23
C ASN A 395 9.36 18.59 26.06
N GLY A 396 9.78 18.84 24.82
CA GLY A 396 11.18 19.14 24.52
C GLY A 396 12.19 18.01 24.74
N PRO A 397 11.89 16.80 24.20
CA PRO A 397 12.88 15.72 24.31
C PRO A 397 14.22 16.09 23.71
N THR A 398 15.31 15.63 24.32
CA THR A 398 16.62 15.82 23.74
C THR A 398 17.26 14.48 23.43
N GLN A 399 18.03 14.42 22.35
CA GLN A 399 18.66 13.16 21.92
C GLN A 399 19.87 12.82 22.77
N LYS A 400 19.93 11.58 23.23
CA LYS A 400 20.97 11.05 24.11
C LYS A 400 21.61 9.78 23.58
N PRO A 401 22.78 9.42 24.10
CA PRO A 401 23.41 8.16 23.68
C PRO A 401 22.64 6.89 24.07
N PHE A 402 22.82 5.86 23.26
CA PHE A 402 22.33 4.54 23.59
C PHE A 402 23.53 3.78 24.10
N VAL A 403 23.48 3.32 25.35
CA VAL A 403 24.68 2.71 25.93
C VAL A 403 24.53 1.24 26.23
N ASP A 404 23.38 0.65 25.95
CA ASP A 404 23.23 -0.80 26.03
C ASP A 404 23.68 -1.43 24.70
N ARG A 405 23.42 -2.71 24.51
CA ARG A 405 23.84 -3.43 23.31
C ARG A 405 22.65 -4.14 22.70
N LEU A 406 22.62 -4.17 21.39
CA LEU A 406 21.62 -4.94 20.64
C LEU A 406 22.23 -6.22 20.16
N GLN A 407 21.50 -7.33 20.26
CA GLN A 407 22.00 -8.57 19.71
C GLN A 407 20.93 -9.28 18.90
N ALA A 408 21.29 -9.67 17.69
CA ALA A 408 20.31 -10.31 16.80
C ALA A 408 19.92 -11.66 17.38
N ARG A 409 18.66 -12.02 17.22
CA ARG A 409 18.08 -13.25 17.78
C ARG A 409 17.14 -13.83 16.71
N PRO A 410 17.32 -15.11 16.32
CA PRO A 410 16.42 -15.72 15.32
C PRO A 410 15.13 -16.17 15.98
N ASP A 411 14.01 -16.09 15.26
CA ASP A 411 12.70 -16.45 15.82
C ASP A 411 12.02 -17.59 15.06
N PHE A 412 11.93 -17.47 13.74
CA PHE A 412 11.25 -18.49 12.93
C PHE A 412 11.60 -18.37 11.48
N ASP A 413 11.20 -19.37 10.70
CA ASP A 413 11.18 -19.22 9.25
C ASP A 413 9.79 -19.57 8.73
N ALA A 414 9.52 -19.18 7.50
CA ALA A 414 8.19 -19.35 6.91
C ALA A 414 8.27 -19.63 5.44
N THR A 415 7.45 -20.54 4.96
CA THR A 415 7.39 -20.89 3.56
C THR A 415 5.95 -20.88 3.09
N VAL A 416 5.68 -20.11 2.04
CA VAL A 416 4.32 -20.07 1.44
C VAL A 416 4.45 -20.51 0.00
N GLU A 417 3.64 -21.48 -0.35
CA GLU A 417 3.62 -22.01 -1.70
C GLU A 417 2.17 -21.94 -2.21
N SER A 418 2.00 -21.45 -3.41
N SER A 418 2.01 -21.37 -3.39
CA SER A 418 0.67 -21.36 -4.00
CA SER A 418 0.70 -21.06 -3.97
C SER A 418 0.66 -21.84 -5.44
C SER A 418 0.64 -21.51 -5.44
N THR A 419 -0.53 -22.24 -5.86
N THR A 419 -0.40 -22.27 -5.80
CA THR A 419 -0.77 -22.64 -7.22
CA THR A 419 -0.72 -22.51 -7.21
C THR A 419 -2.20 -22.32 -7.59
C THR A 419 -2.14 -22.08 -7.51
N SER A 420 -2.39 -21.73 -8.76
CA SER A 420 -3.71 -21.31 -9.15
C SER A 420 -3.95 -21.38 -10.63
N VAL A 421 -5.24 -21.43 -10.97
N VAL A 421 -5.23 -21.44 -10.98
CA VAL A 421 -5.71 -21.42 -12.34
CA VAL A 421 -5.64 -21.34 -12.36
C VAL A 421 -6.93 -20.51 -12.37
C VAL A 421 -6.92 -20.51 -12.37
N TYR A 422 -7.10 -19.72 -13.43
CA TYR A 422 -8.22 -18.83 -13.52
C TYR A 422 -8.70 -18.64 -14.97
N LEU A 423 -9.93 -18.18 -15.09
CA LEU A 423 -10.50 -17.72 -16.35
C LEU A 423 -11.17 -16.38 -16.11
N LEU A 424 -10.85 -15.41 -16.96
CA LEU A 424 -11.51 -14.13 -16.95
C LEU A 424 -12.01 -13.89 -18.37
N ASP A 425 -13.27 -13.49 -18.50
CA ASP A 425 -13.87 -13.28 -19.83
C ASP A 425 -14.93 -12.20 -19.72
N ASN A 426 -14.79 -11.15 -20.54
CA ASN A 426 -15.81 -10.16 -20.66
C ASN A 426 -16.49 -10.34 -22.02
N ILE A 427 -17.75 -10.73 -22.01
CA ILE A 427 -18.47 -11.10 -23.22
C ILE A 427 -19.38 -9.96 -23.70
N GLU A 428 -19.06 -9.41 -24.86
CA GLU A 428 -19.93 -8.43 -25.50
C GLU A 428 -21.06 -9.16 -26.23
N ILE A 429 -22.25 -9.03 -25.66
CA ILE A 429 -23.44 -9.67 -26.21
C ILE A 429 -24.00 -8.82 -27.35
N THR A 430 -24.11 -7.52 -27.14
CA THR A 430 -24.30 -6.56 -28.18
C THR A 430 -23.48 -5.37 -27.74
N PRO A 431 -23.43 -4.30 -28.54
CA PRO A 431 -22.60 -3.17 -28.11
C PRO A 431 -23.08 -2.49 -26.85
N LYS A 432 -24.27 -2.84 -26.39
CA LYS A 432 -24.86 -2.20 -25.22
C LYS A 432 -24.85 -3.11 -24.00
N TRP A 433 -24.57 -4.41 -24.22
CA TRP A 433 -24.66 -5.38 -23.14
C TRP A 433 -23.37 -6.18 -23.00
N LEU A 434 -22.71 -6.03 -21.84
CA LEU A 434 -21.45 -6.76 -21.56
C LEU A 434 -21.58 -7.60 -20.30
N LEU A 435 -21.28 -8.89 -20.42
CA LEU A 435 -21.30 -9.82 -19.30
C LEU A 435 -19.85 -10.09 -18.83
N ASP A 436 -19.53 -9.70 -17.61
CA ASP A 436 -18.16 -9.86 -17.08
C ASP A 436 -18.10 -11.07 -16.16
N LEU A 437 -17.15 -11.97 -16.39
CA LEU A 437 -17.07 -13.20 -15.61
C LEU A 437 -15.64 -13.46 -15.18
N GLY A 438 -15.48 -14.00 -13.99
CA GLY A 438 -14.17 -14.48 -13.55
C GLY A 438 -14.33 -15.60 -12.56
N LEU A 439 -13.42 -16.56 -12.65
CA LEU A 439 -13.44 -17.73 -11.79
C LEU A 439 -11.99 -18.13 -11.53
N ARG A 440 -11.64 -18.38 -10.27
CA ARG A 440 -10.26 -18.72 -9.95
C ARG A 440 -10.22 -19.78 -8.87
N TRP A 441 -9.29 -20.72 -9.01
CA TRP A 441 -9.06 -21.72 -8.00
C TRP A 441 -7.63 -21.58 -7.48
N ASP A 442 -7.50 -21.47 -6.17
CA ASP A 442 -6.21 -21.31 -5.51
C ASP A 442 -5.95 -22.46 -4.56
N LYS A 443 -4.71 -22.94 -4.56
CA LYS A 443 -4.22 -23.78 -3.50
C LYS A 443 -3.12 -23.04 -2.76
N PHE A 444 -3.19 -23.05 -1.44
CA PHE A 444 -2.31 -22.23 -0.61
C PHE A 444 -1.77 -23.13 0.50
N GLU A 445 -0.47 -23.06 0.71
CA GLU A 445 0.12 -23.68 1.88
C GLU A 445 1.11 -22.73 2.58
N ALA A 446 0.95 -22.58 3.89
CA ALA A 446 1.86 -21.77 4.69
C ALA A 446 2.40 -22.63 5.80
N GLU A 447 3.72 -22.66 5.92
CA GLU A 447 4.36 -23.41 6.99
C GLU A 447 5.35 -22.55 7.71
N GLN A 448 5.28 -22.52 9.03
CA GLN A 448 6.17 -21.71 9.81
C GLN A 448 6.80 -22.54 10.90
N ASN A 449 8.13 -22.54 10.95
CA ASN A 449 8.90 -23.27 11.96
C ASN A 449 9.40 -22.32 13.05
N PHE A 450 8.85 -22.46 14.27
CA PHE A 450 9.19 -21.56 15.36
C PHE A 450 10.25 -22.18 16.26
N LEU A 451 11.31 -21.42 16.52
CA LEU A 451 12.31 -21.84 17.52
C LEU A 451 11.72 -21.80 18.90
N ALA A 452 12.28 -22.60 19.81
CA ALA A 452 11.89 -22.57 21.21
C ALA A 452 12.09 -21.19 21.79
N THR A 453 11.21 -20.82 22.69
CA THR A 453 11.31 -19.60 23.46
C THR A 453 11.40 -19.96 24.93
N SER A 454 11.43 -18.96 25.80
CA SER A 454 11.46 -19.22 27.23
C SER A 454 10.14 -19.85 27.70
N SER A 455 9.08 -19.69 26.94
CA SER A 455 7.76 -20.16 27.37
C SER A 455 7.10 -21.24 26.47
N ALA A 456 7.78 -21.66 25.42
CA ALA A 456 7.21 -22.66 24.52
C ALA A 456 8.30 -23.43 23.80
N ALA A 457 8.06 -24.73 23.63
CA ALA A 457 8.95 -25.56 22.84
C ALA A 457 8.87 -25.15 21.37
N ALA A 458 9.87 -25.54 20.61
CA ALA A 458 9.84 -25.41 19.16
C ALA A 458 8.62 -26.13 18.59
N TYR A 459 8.01 -25.53 17.57
CA TYR A 459 6.92 -26.19 16.91
C TYR A 459 6.78 -25.67 15.49
N THR A 460 6.05 -26.43 14.66
CA THR A 460 5.76 -26.06 13.31
C THR A 460 4.25 -25.87 13.16
N ALA A 461 3.84 -24.73 12.59
CA ALA A 461 2.45 -24.50 12.23
C ALA A 461 2.30 -24.59 10.74
N LYS A 462 1.24 -25.24 10.28
CA LYS A 462 1.04 -25.35 8.84
C LYS A 462 -0.44 -25.21 8.49
N ASN A 463 -0.72 -24.42 7.48
CA ASN A 463 -2.08 -24.32 6.94
C ASN A 463 -2.07 -24.77 5.51
N ASN A 464 -3.06 -25.55 5.14
CA ASN A 464 -3.35 -25.87 3.76
C ASN A 464 -4.79 -25.45 3.51
N SER A 465 -4.99 -24.61 2.50
CA SER A 465 -6.32 -24.09 2.16
C SER A 465 -6.44 -24.19 0.65
N ASP A 466 -7.61 -24.49 0.16
CA ASP A 466 -7.84 -24.31 -1.24
C ASP A 466 -9.24 -23.73 -1.41
N PHE A 467 -9.39 -22.84 -2.37
CA PHE A 467 -10.62 -22.04 -2.38
C PHE A 467 -10.90 -21.56 -3.79
N VAL A 468 -12.17 -21.36 -4.08
CA VAL A 468 -12.58 -20.87 -5.38
C VAL A 468 -13.16 -19.49 -5.17
N THR A 469 -12.77 -18.53 -5.98
CA THR A 469 -13.35 -17.22 -5.91
C THR A 469 -13.85 -16.79 -7.28
N TYR A 470 -14.74 -15.81 -7.30
CA TYR A 470 -15.29 -15.40 -8.56
C TYR A 470 -15.76 -13.97 -8.64
N GLN A 471 -16.14 -13.59 -9.85
CA GLN A 471 -16.74 -12.31 -10.10
C GLN A 471 -17.76 -12.45 -11.21
N ALA A 472 -18.83 -11.68 -11.12
CA ALA A 472 -19.85 -11.64 -12.15
C ALA A 472 -20.39 -10.23 -12.21
N GLY A 473 -20.48 -9.67 -13.40
CA GLY A 473 -21.06 -8.35 -13.54
C GLY A 473 -21.77 -8.20 -14.87
N ILE A 474 -22.74 -7.29 -14.90
CA ILE A 474 -23.38 -6.88 -16.16
C ILE A 474 -23.23 -5.39 -16.32
N THR A 475 -22.80 -4.97 -17.49
CA THR A 475 -22.69 -3.57 -17.84
C THR A 475 -23.70 -3.28 -18.97
N PHE A 476 -24.54 -2.27 -18.76
CA PHE A 476 -25.43 -1.75 -19.82
C PHE A 476 -24.90 -0.42 -20.27
N LYS A 477 -24.74 -0.27 -21.57
CA LYS A 477 -24.25 1.00 -22.09
C LYS A 477 -25.37 1.82 -22.80
N PRO A 478 -25.88 2.87 -22.15
CA PRO A 478 -26.93 3.67 -22.81
C PRO A 478 -26.44 4.34 -24.06
N THR A 479 -25.17 4.74 -24.05
CA THR A 479 -24.46 5.25 -25.22
C THR A 479 -23.05 4.70 -25.16
N GLU A 480 -22.26 4.93 -26.22
CA GLU A 480 -20.93 4.36 -26.24
C GLU A 480 -20.04 4.95 -25.13
N ASN A 481 -20.38 6.14 -24.64
CA ASN A 481 -19.59 6.85 -23.65
C ASN A 481 -20.09 6.66 -22.21
N GLY A 482 -21.08 5.79 -22.03
CA GLY A 482 -21.68 5.58 -20.73
C GLY A 482 -21.82 4.14 -20.35
N SER A 483 -21.88 3.88 -19.05
N SER A 483 -21.93 3.88 -19.05
CA SER A 483 -22.06 2.54 -18.51
CA SER A 483 -22.04 2.53 -18.52
C SER A 483 -22.86 2.60 -17.22
C SER A 483 -22.82 2.56 -17.21
N ILE A 484 -23.71 1.59 -17.02
CA ILE A 484 -24.38 1.38 -15.75
C ILE A 484 -24.21 -0.08 -15.47
N TYR A 485 -23.80 -0.42 -14.23
CA TYR A 485 -23.48 -1.79 -13.95
C TYR A 485 -23.87 -2.23 -12.57
N THR A 486 -23.95 -3.55 -12.45
CA THR A 486 -24.10 -4.26 -11.17
C THR A 486 -23.05 -5.35 -11.17
N SER A 487 -22.39 -5.57 -10.04
CA SER A 487 -21.44 -6.67 -9.96
C SER A 487 -21.32 -7.27 -8.59
N TYR A 488 -20.84 -8.50 -8.58
CA TYR A 488 -20.60 -9.25 -7.37
C TYR A 488 -19.25 -9.93 -7.47
N ALA A 489 -18.46 -9.88 -6.40
CA ALA A 489 -17.12 -10.50 -6.41
C ALA A 489 -16.77 -10.97 -5.02
N THR A 490 -16.04 -12.08 -4.96
CA THR A 490 -15.69 -12.66 -3.68
C THR A 490 -14.19 -12.55 -3.40
N SER A 491 -13.86 -12.82 -2.15
CA SER A 491 -12.48 -12.89 -1.70
C SER A 491 -12.35 -13.95 -0.62
N ALA A 492 -11.16 -14.55 -0.53
CA ALA A 492 -10.80 -15.48 0.53
C ALA A 492 -9.38 -15.10 1.02
N SER A 493 -9.17 -15.20 2.33
CA SER A 493 -7.90 -14.78 2.96
C SER A 493 -7.49 -15.84 3.97
N PRO A 494 -6.53 -16.68 3.60
CA PRO A 494 -6.12 -17.80 4.44
C PRO A 494 -5.24 -17.34 5.59
N VAL A 495 -5.24 -18.10 6.69
N VAL A 495 -5.23 -18.16 6.64
CA VAL A 495 -4.31 -17.82 7.78
CA VAL A 495 -4.28 -18.03 7.75
C VAL A 495 -2.89 -18.02 7.26
C VAL A 495 -2.84 -18.06 7.23
N GLY A 496 -1.98 -17.19 7.75
CA GLY A 496 -0.57 -17.20 7.33
C GLY A 496 -0.26 -16.41 6.07
N LEU A 497 -1.25 -15.68 5.56
CA LEU A 497 -1.07 -14.94 4.32
C LEU A 497 0.08 -13.92 4.35
N ASN A 498 0.45 -13.41 5.54
CA ASN A 498 1.54 -12.44 5.59
C ASN A 498 2.92 -13.05 5.31
N ALA A 499 2.95 -14.38 5.24
CA ALA A 499 4.16 -15.15 4.82
C ALA A 499 5.29 -14.94 5.81
N GLY A 500 4.92 -14.64 7.05
CA GLY A 500 5.88 -14.60 8.12
C GLY A 500 5.90 -13.29 8.88
N TRP A 501 5.87 -12.17 8.18
CA TRP A 501 5.99 -10.88 8.87
C TRP A 501 5.22 -9.83 8.08
N GLY A 502 4.18 -9.31 8.68
CA GLY A 502 3.27 -8.41 8.02
C GLY A 502 2.08 -8.20 8.94
N ASP A 503 0.92 -8.06 8.33
CA ASP A 503 -0.30 -7.71 9.06
C ASP A 503 -0.50 -8.77 10.17
N ASN A 504 -0.51 -8.34 11.43
CA ASN A 504 -0.57 -9.29 12.53
C ASN A 504 -1.91 -10.04 12.62
N SER A 505 -2.95 -9.55 11.94
CA SER A 505 -4.20 -10.28 11.93
C SER A 505 -4.06 -11.58 11.14
N GLU A 506 -2.99 -11.70 10.33
CA GLU A 506 -2.80 -12.86 9.45
C GLU A 506 -1.78 -13.89 9.97
N THR A 507 -1.22 -13.62 11.13
CA THR A 507 -0.11 -14.39 11.66
C THR A 507 -0.64 -15.77 12.10
N ILE A 508 0.06 -16.81 11.64
CA ILE A 508 -0.30 -18.18 11.94
C ILE A 508 0.34 -18.59 13.28
N ASN A 509 -0.39 -19.44 13.99
CA ASN A 509 0.12 -20.01 15.24
C ASN A 509 -0.48 -21.42 15.45
N ALA A 510 -0.12 -22.04 16.55
CA ALA A 510 -0.56 -23.43 16.81
C ALA A 510 -2.07 -23.53 16.77
N ASN A 511 -2.74 -22.48 17.25
CA ASN A 511 -4.18 -22.56 17.49
C ASN A 511 -5.08 -22.13 16.32
N ASN A 512 -4.54 -21.42 15.33
CA ASN A 512 -5.35 -21.01 14.17
C ASN A 512 -4.96 -21.71 12.86
N GLN A 513 -3.94 -22.56 12.95
CA GLN A 513 -3.35 -23.14 11.74
C GLN A 513 -4.31 -24.01 10.96
N MET A 514 -5.32 -24.56 11.63
CA MET A 514 -6.27 -25.45 10.96
C MET A 514 -7.51 -24.69 10.47
N ILE A 515 -7.60 -23.39 10.74
CA ILE A 515 -8.84 -22.66 10.45
C ILE A 515 -8.94 -22.39 8.93
N ASP A 516 -10.15 -22.51 8.40
CA ASP A 516 -10.42 -22.25 6.99
C ASP A 516 -10.28 -20.73 6.71
N PRO A 517 -10.16 -20.35 5.44
CA PRO A 517 -9.96 -18.94 5.13
C PRO A 517 -11.11 -18.02 5.49
N GLU A 518 -10.78 -16.77 5.78
CA GLU A 518 -11.80 -15.74 5.91
C GLU A 518 -12.46 -15.56 4.56
N GLU A 519 -13.71 -15.14 4.58
CA GLU A 519 -14.50 -14.99 3.37
C GLU A 519 -15.08 -13.61 3.34
N ALA A 520 -14.98 -12.97 2.17
CA ALA A 520 -15.45 -11.61 1.99
C ALA A 520 -16.14 -11.50 0.65
N GLN A 521 -16.88 -10.43 0.49
CA GLN A 521 -17.58 -10.20 -0.76
C GLN A 521 -17.90 -8.73 -0.96
N THR A 522 -18.07 -8.34 -2.23
CA THR A 522 -18.50 -7.02 -2.59
C THR A 522 -19.68 -7.08 -3.55
N PHE A 523 -20.75 -6.39 -3.18
CA PHE A 523 -21.87 -6.12 -4.10
C PHE A 523 -21.83 -4.64 -4.46
N GLU A 524 -21.82 -4.33 -5.76
CA GLU A 524 -21.68 -2.95 -6.20
C GLU A 524 -22.60 -2.65 -7.39
N ILE A 525 -23.13 -1.44 -7.35
CA ILE A 525 -23.81 -0.85 -8.49
C ILE A 525 -23.14 0.44 -8.77
N GLY A 526 -22.99 0.76 -10.05
CA GLY A 526 -22.32 1.96 -10.41
C GLY A 526 -22.62 2.48 -11.79
N THR A 527 -22.06 3.66 -12.07
CA THR A 527 -22.15 4.25 -13.37
C THR A 527 -20.87 5.00 -13.70
N LYS A 528 -20.49 4.97 -14.96
CA LYS A 528 -19.29 5.65 -15.45
C LYS A 528 -19.59 6.36 -16.76
N TRP A 529 -19.00 7.54 -16.97
CA TRP A 529 -19.29 8.36 -18.16
C TRP A 529 -18.06 9.08 -18.63
N ASP A 530 -17.76 8.94 -19.92
CA ASP A 530 -16.81 9.85 -20.58
C ASP A 530 -17.58 11.03 -21.15
N PHE A 531 -17.09 12.24 -20.89
CA PHE A 531 -17.73 13.50 -21.26
C PHE A 531 -16.77 14.40 -22.00
N LEU A 532 -17.32 15.46 -22.58
CA LEU A 532 -16.51 16.51 -23.22
C LEU A 532 -15.58 15.95 -24.23
N ASP A 533 -16.13 15.24 -25.20
CA ASP A 533 -15.31 14.67 -26.26
C ASP A 533 -14.21 13.81 -25.68
N ASN A 534 -14.56 13.03 -24.66
CA ASN A 534 -13.69 12.06 -24.03
C ASN A 534 -12.50 12.68 -23.28
N HIS A 535 -12.67 13.91 -22.81
CA HIS A 535 -11.64 14.58 -22.02
C HIS A 535 -11.84 14.43 -20.51
N LEU A 536 -13.07 14.10 -20.09
CA LEU A 536 -13.42 13.96 -18.69
C LEU A 536 -14.06 12.62 -18.47
N ASN A 537 -13.80 12.03 -17.30
CA ASN A 537 -14.46 10.81 -16.89
C ASN A 537 -14.99 10.98 -15.47
N LEU A 538 -16.25 10.62 -15.30
CA LEU A 538 -16.91 10.64 -14.01
C LEU A 538 -17.23 9.19 -13.64
N THR A 539 -17.02 8.83 -12.37
CA THR A 539 -17.43 7.51 -11.88
C THR A 539 -18.21 7.69 -10.58
N ALA A 540 -19.18 6.81 -10.37
CA ALA A 540 -19.94 6.74 -9.13
C ALA A 540 -20.23 5.29 -8.83
N ALA A 541 -20.20 4.93 -7.54
CA ALA A 541 -20.48 3.58 -7.12
C ALA A 541 -21.05 3.56 -5.73
N ILE A 542 -21.95 2.60 -5.51
CA ILE A 542 -22.56 2.35 -4.22
C ILE A 542 -22.32 0.88 -3.99
N PHE A 543 -21.95 0.50 -2.77
CA PHE A 543 -21.46 -0.86 -2.55
C PHE A 543 -21.62 -1.30 -1.12
N ARG A 544 -21.65 -2.60 -0.93
CA ARG A 544 -21.34 -3.21 0.35
C ARG A 544 -20.15 -4.15 0.15
N THR A 545 -19.07 -3.80 0.81
CA THR A 545 -17.83 -4.60 0.84
C THR A 545 -17.70 -5.08 2.27
N GLU A 546 -17.65 -6.39 2.46
CA GLU A 546 -17.77 -6.96 3.77
C GLU A 546 -16.97 -8.21 3.94
N LYS A 547 -16.63 -8.48 5.19
CA LYS A 547 -15.99 -9.74 5.54
C LYS A 547 -16.96 -10.50 6.44
N GLN A 548 -17.82 -11.30 5.84
CA GLN A 548 -18.92 -11.92 6.55
C GLN A 548 -18.45 -13.13 7.34
N ASN A 549 -17.24 -13.60 7.07
CA ASN A 549 -16.62 -14.60 7.92
C ASN A 549 -15.22 -14.14 8.29
N THR A 550 -15.13 -13.54 9.47
CA THR A 550 -13.89 -12.99 9.99
C THR A 550 -13.37 -13.91 11.07
N ARG A 551 -12.05 -14.12 11.08
CA ARG A 551 -11.43 -14.95 12.08
C ARG A 551 -11.38 -14.15 13.38
N VAL A 552 -11.79 -14.74 14.50
CA VAL A 552 -11.70 -14.05 15.77
C VAL A 552 -11.20 -15.02 16.83
N GLN A 553 -10.67 -14.47 17.92
CA GLN A 553 -10.19 -15.25 19.04
C GLN A 553 -11.35 -15.41 20.02
N ILE A 554 -11.51 -16.65 20.50
CA ILE A 554 -12.51 -17.06 21.48
C ILE A 554 -11.94 -17.11 22.91
N ASP A 555 -10.70 -17.57 23.06
CA ASP A 555 -10.02 -17.55 24.35
C ASP A 555 -8.54 -17.55 24.03
N PRO A 556 -7.68 -17.62 25.04
CA PRO A 556 -6.29 -17.31 24.70
C PRO A 556 -5.65 -18.25 23.69
N THR A 557 -6.22 -19.45 23.51
CA THR A 557 -5.62 -20.43 22.60
C THR A 557 -6.69 -21.10 21.75
N THR A 558 -7.75 -20.35 21.42
CA THR A 558 -8.80 -20.84 20.54
C THR A 558 -9.31 -19.75 19.56
N TYR A 559 -9.44 -20.12 18.28
CA TYR A 559 -9.96 -19.22 17.23
C TYR A 559 -11.14 -19.83 16.54
N ALA A 560 -11.94 -18.99 15.88
CA ALA A 560 -13.04 -19.44 15.05
C ALA A 560 -13.37 -18.37 14.01
N ASN A 561 -14.10 -18.75 12.97
CA ASN A 561 -14.42 -17.85 11.86
C ASN A 561 -15.83 -17.23 11.96
N VAL A 562 -16.18 -16.71 13.12
CA VAL A 562 -17.55 -16.30 13.40
C VAL A 562 -17.73 -14.79 13.45
N GLY A 563 -16.66 -14.03 13.22
CA GLY A 563 -16.77 -12.59 13.25
C GLY A 563 -17.38 -12.04 11.96
N GLU A 564 -17.81 -10.78 12.00
CA GLU A 564 -18.41 -10.14 10.85
C GLU A 564 -18.17 -8.67 10.89
N SER A 565 -17.95 -8.08 9.72
CA SER A 565 -17.89 -6.65 9.59
C SER A 565 -18.33 -6.30 8.18
N LYS A 566 -18.71 -5.03 8.00
CA LYS A 566 -19.16 -4.55 6.71
C LYS A 566 -18.96 -3.08 6.54
N VAL A 567 -18.81 -2.68 5.28
CA VAL A 567 -18.68 -1.30 4.91
C VAL A 567 -19.69 -1.01 3.80
N ASP A 568 -20.68 -0.16 4.11
CA ASP A 568 -21.64 0.33 3.11
C ASP A 568 -21.18 1.71 2.66
N GLY A 569 -20.92 1.86 1.38
CA GLY A 569 -20.25 3.05 0.94
C GLY A 569 -20.66 3.59 -0.39
N PHE A 570 -20.13 4.77 -0.65
CA PHE A 570 -20.32 5.51 -1.88
C PHE A 570 -19.01 6.14 -2.30
N GLU A 571 -18.69 6.05 -3.58
CA GLU A 571 -17.47 6.63 -4.10
C GLU A 571 -17.83 7.42 -5.35
N LEU A 572 -17.17 8.55 -5.54
CA LEU A 572 -17.30 9.39 -6.73
C LEU A 572 -15.91 9.83 -7.17
N GLY A 573 -15.64 9.82 -8.46
CA GLY A 573 -14.35 10.21 -9.03
C GLY A 573 -14.55 11.06 -10.28
N LEU A 574 -13.66 12.01 -10.49
CA LEU A 574 -13.69 12.88 -11.68
C LEU A 574 -12.27 13.19 -12.10
N ASN A 575 -11.90 12.80 -13.32
CA ASN A 575 -10.57 13.04 -13.84
C ASN A 575 -10.58 13.54 -15.30
N GLY A 576 -9.67 14.47 -15.60
CA GLY A 576 -9.35 14.81 -16.99
C GLY A 576 -9.19 16.30 -17.21
N GLU A 577 -9.44 16.73 -18.45
CA GLU A 577 -9.32 18.14 -18.85
C GLU A 577 -10.68 18.79 -18.98
N ILE A 578 -10.94 19.78 -18.13
CA ILE A 578 -12.16 20.55 -18.17
C ILE A 578 -12.12 21.53 -19.36
N THR A 579 -10.96 22.15 -19.60
CA THR A 579 -10.71 22.91 -20.82
C THR A 579 -9.30 22.59 -21.24
N ASP A 580 -8.81 23.25 -22.28
CA ASP A 580 -7.47 22.93 -22.75
C ASP A 580 -6.44 23.62 -21.87
N LYS A 581 -6.89 24.39 -20.88
CA LYS A 581 -6.00 24.99 -19.88
C LYS A 581 -6.19 24.46 -18.43
N TRP A 582 -7.31 23.80 -18.19
CA TRP A 582 -7.74 23.45 -16.83
C TRP A 582 -7.96 21.94 -16.66
N ASN A 583 -7.20 21.31 -15.76
CA ASN A 583 -7.39 19.87 -15.51
C ASN A 583 -7.72 19.56 -14.07
N ILE A 584 -8.19 18.34 -13.84
CA ILE A 584 -8.70 18.00 -12.52
C ILE A 584 -8.56 16.50 -12.22
N SER A 585 -8.26 16.20 -10.96
CA SER A 585 -8.37 14.83 -10.43
C SER A 585 -8.99 14.98 -9.07
N ALA A 586 -10.19 14.43 -8.91
CA ALA A 586 -10.94 14.61 -7.69
C ALA A 586 -11.67 13.37 -7.30
N GLY A 587 -11.90 13.23 -6.00
CA GLY A 587 -12.62 12.09 -5.47
C GLY A 587 -13.34 12.36 -4.19
N TYR A 588 -14.40 11.61 -3.95
CA TYR A 588 -15.12 11.69 -2.70
C TYR A 588 -15.54 10.30 -2.27
N THR A 589 -15.61 10.08 -0.96
CA THR A 589 -16.13 8.80 -0.48
C THR A 589 -16.84 8.95 0.84
N TYR A 590 -17.92 8.20 0.98
CA TYR A 590 -18.64 8.06 2.22
C TYR A 590 -18.62 6.58 2.60
N LEU A 591 -18.17 6.28 3.82
CA LEU A 591 -17.97 4.91 4.22
C LEU A 591 -18.59 4.65 5.58
N ASP A 592 -19.71 3.95 5.56
CA ASP A 592 -20.42 3.61 6.78
C ASP A 592 -20.02 2.20 7.21
N SER A 593 -19.03 2.13 8.11
CA SER A 593 -18.42 0.86 8.49
C SER A 593 -19.02 0.37 9.78
N GLU A 594 -19.01 -0.94 9.97
CA GLU A 594 -19.58 -1.52 11.16
C GLU A 594 -18.89 -2.81 11.54
N LEU A 595 -18.46 -2.87 12.79
CA LEU A 595 -17.94 -4.07 13.38
C LEU A 595 -19.12 -4.85 13.93
N THR A 596 -19.78 -5.57 13.05
CA THR A 596 -21.07 -6.20 13.35
C THR A 596 -20.99 -7.23 14.47
N LYS A 597 -19.98 -8.07 14.42
CA LYS A 597 -19.81 -9.10 15.39
C LYS A 597 -18.34 -9.30 15.71
N ASN A 598 -17.97 -9.03 16.95
CA ASN A 598 -16.57 -9.11 17.40
C ASN A 598 -16.32 -10.35 18.24
N GLY A 599 -15.07 -10.76 18.32
CA GLY A 599 -14.66 -11.82 19.24
C GLY A 599 -14.11 -11.27 20.54
N LYS A 600 -12.97 -11.78 20.98
CA LYS A 600 -12.33 -11.30 22.20
C LYS A 600 -10.95 -10.79 21.91
N SER A 601 -10.47 -9.89 22.76
CA SER A 601 -9.13 -9.39 22.72
C SER A 601 -8.36 -10.08 23.85
N CYS A 602 -7.26 -10.76 23.54
CA CYS A 602 -6.54 -11.51 24.58
C CYS A 602 -5.11 -11.02 24.71
N ARG A 603 -4.61 -10.93 25.94
CA ARG A 603 -3.23 -10.56 26.17
C ARG A 603 -2.74 -11.21 27.45
N SER A 604 -1.60 -11.88 27.36
CA SER A 604 -1.00 -12.56 28.51
C SER A 604 -2.00 -13.46 29.24
N GLY A 605 -2.73 -14.26 28.47
CA GLY A 605 -3.65 -15.23 29.07
C GLY A 605 -5.01 -14.71 29.49
N LYS A 606 -5.26 -13.42 29.33
CA LYS A 606 -6.54 -12.84 29.75
C LYS A 606 -7.27 -12.24 28.55
N CYS A 607 -8.55 -12.59 28.41
CA CYS A 607 -9.36 -12.13 27.29
C CYS A 607 -10.43 -11.15 27.72
N THR A 608 -10.60 -10.08 26.96
CA THR A 608 -11.68 -9.13 27.18
C THR A 608 -12.70 -9.33 26.07
N ASP A 609 -13.95 -9.53 26.44
CA ASP A 609 -15.01 -9.72 25.47
C ASP A 609 -15.32 -8.42 24.72
N GLN A 610 -15.37 -8.48 23.40
CA GLN A 610 -15.60 -7.28 22.60
C GLN A 610 -17.00 -7.24 22.02
N SER A 611 -17.89 -8.14 22.45
CA SER A 611 -19.26 -8.11 21.94
C SER A 611 -19.95 -6.83 22.34
N ILE A 612 -19.50 -6.21 23.42
CA ILE A 612 -20.05 -4.91 23.83
C ILE A 612 -19.76 -3.81 22.81
N TYR A 613 -18.82 -4.07 21.90
CA TYR A 613 -18.51 -3.09 20.84
C TYR A 613 -19.13 -3.43 19.49
N ASN A 614 -19.96 -4.46 19.47
CA ASN A 614 -20.72 -4.80 18.26
C ASN A 614 -21.50 -3.57 17.78
N GLY A 615 -21.37 -3.23 16.51
CA GLY A 615 -21.95 -2.02 15.94
C GLY A 615 -21.01 -0.82 15.85
N ASN A 616 -19.84 -0.87 16.49
CA ASN A 616 -18.90 0.25 16.44
C ASN A 616 -18.36 0.49 15.02
N GLN A 617 -17.76 1.65 14.83
CA GLN A 617 -17.12 1.98 13.57
C GLN A 617 -15.84 1.16 13.46
N MET A 618 -15.53 0.72 12.25
CA MET A 618 -14.28 0.04 12.02
C MET A 618 -13.09 1.00 12.13
N PRO A 619 -12.00 0.53 12.71
CA PRO A 619 -10.78 1.32 12.73
C PRO A 619 -10.19 1.49 11.34
N ASN A 620 -9.36 2.51 11.21
CA ASN A 620 -8.65 2.76 9.99
C ASN A 620 -9.59 3.00 8.80
N VAL A 621 -10.76 3.54 9.08
CA VAL A 621 -11.65 4.03 8.03
C VAL A 621 -12.47 5.25 8.42
N PRO A 622 -12.33 6.32 7.63
CA PRO A 622 -13.09 7.53 7.91
C PRO A 622 -14.49 7.43 7.35
N LYS A 623 -15.44 8.08 8.01
CA LYS A 623 -16.81 8.09 7.49
C LYS A 623 -16.90 8.83 6.16
N GLN A 624 -16.10 9.89 6.02
CA GLN A 624 -16.02 10.68 4.79
C GLN A 624 -14.59 11.03 4.51
N ALA A 625 -14.25 11.13 3.23
CA ALA A 625 -12.98 11.66 2.80
C ALA A 625 -13.08 12.23 1.36
N ALA A 626 -12.19 13.15 1.01
CA ALA A 626 -12.21 13.75 -0.33
C ALA A 626 -10.86 14.30 -0.70
N THR A 627 -10.54 14.26 -2.00
CA THR A 627 -9.30 14.85 -2.45
C THR A 627 -9.58 15.61 -3.75
N LEU A 628 -8.74 16.60 -3.96
CA LEU A 628 -8.84 17.44 -5.17
C LEU A 628 -7.45 17.89 -5.56
N TRP A 629 -7.12 17.70 -6.83
CA TRP A 629 -5.95 18.30 -7.44
C TRP A 629 -6.40 18.96 -8.72
N THR A 630 -6.07 20.23 -8.89
CA THR A 630 -6.43 20.93 -10.11
C THR A 630 -5.33 21.89 -10.55
N THR A 631 -5.11 21.96 -11.87
CA THR A 631 -4.09 22.85 -12.41
C THR A 631 -4.64 23.68 -13.57
N TYR A 632 -4.01 24.84 -13.75
CA TYR A 632 -4.44 25.83 -14.73
C TYR A 632 -3.24 26.43 -15.46
N LYS A 633 -3.34 26.54 -16.78
CA LYS A 633 -2.27 27.10 -17.59
C LYS A 633 -2.46 28.62 -17.59
N VAL A 634 -1.93 29.29 -16.58
CA VAL A 634 -2.14 30.74 -16.45
C VAL A 634 -1.40 31.50 -17.57
N LEU A 635 -0.24 31.01 -17.97
CA LEU A 635 0.43 31.54 -19.15
C LEU A 635 0.87 30.35 -19.95
N PRO A 636 1.22 30.55 -21.22
CA PRO A 636 1.62 29.38 -22.00
C PRO A 636 2.86 28.67 -21.44
N GLN A 637 3.70 29.40 -20.71
CA GLN A 637 4.88 28.80 -20.10
C GLN A 637 4.72 28.54 -18.58
N LEU A 638 3.52 28.73 -18.04
CA LEU A 638 3.33 28.70 -16.59
C LEU A 638 2.04 27.99 -16.18
N THR A 639 2.21 26.87 -15.49
CA THR A 639 1.12 26.14 -14.90
C THR A 639 1.15 26.29 -13.38
N VAL A 640 -0.02 26.51 -12.80
CA VAL A 640 -0.17 26.59 -11.34
C VAL A 640 -1.14 25.49 -10.89
N GLY A 641 -0.79 24.79 -9.80
CA GLY A 641 -1.65 23.72 -9.26
C GLY A 641 -2.03 23.92 -7.81
N ALA A 642 -3.19 23.43 -7.43
CA ALA A 642 -3.68 23.50 -6.08
C ALA A 642 -4.34 22.16 -5.71
N GLY A 643 -4.13 21.75 -4.46
CA GLY A 643 -4.73 20.53 -3.95
C GLY A 643 -5.29 20.70 -2.58
N ALA A 644 -6.28 19.87 -2.28
CA ALA A 644 -6.84 19.76 -0.94
C ALA A 644 -7.10 18.28 -0.68
N VAL A 645 -6.73 17.83 0.52
CA VAL A 645 -6.98 16.46 1.01
C VAL A 645 -7.74 16.58 2.33
N TYR A 646 -8.92 15.95 2.40
CA TYR A 646 -9.74 15.95 3.58
C TYR A 646 -10.01 14.53 4.04
N SER A 647 -9.97 14.33 5.34
CA SER A 647 -10.45 13.09 5.95
C SER A 647 -11.21 13.41 7.22
N ASP A 648 -12.29 12.67 7.45
CA ASP A 648 -12.93 12.70 8.76
C ASP A 648 -12.01 11.98 9.77
N LYS A 649 -12.40 11.99 11.02
CA LYS A 649 -11.67 11.29 12.07
C LYS A 649 -11.54 9.79 11.82
N VAL A 650 -10.47 9.21 12.34
CA VAL A 650 -10.20 7.78 12.14
C VAL A 650 -9.95 7.17 13.49
N TYR A 651 -10.65 6.07 13.78
CA TYR A 651 -10.39 5.30 15.00
C TYR A 651 -9.23 4.32 14.83
N GLY A 652 -8.47 4.14 15.88
CA GLY A 652 -7.47 3.10 15.94
C GLY A 652 -7.99 1.79 16.48
N ASP A 653 -8.98 1.84 17.36
CA ASP A 653 -9.37 0.62 18.07
C ASP A 653 -10.85 0.20 17.91
N VAL A 654 -11.07 -1.10 18.12
CA VAL A 654 -12.39 -1.72 18.10
C VAL A 654 -13.31 -1.02 19.10
N ALA A 655 -12.75 -0.66 20.25
CA ALA A 655 -13.54 0.00 21.29
C ALA A 655 -13.93 1.43 20.91
N ASN A 656 -13.30 1.98 19.88
CA ASN A 656 -13.56 3.34 19.42
C ASN A 656 -13.28 4.36 20.56
N THR A 657 -12.17 4.21 21.26
CA THR A 657 -11.75 5.14 22.32
C THR A 657 -10.45 5.87 22.00
N LYS A 658 -9.78 5.45 20.93
CA LYS A 658 -8.50 6.02 20.48
C LYS A 658 -8.64 6.43 19.03
N TRP A 659 -8.34 7.69 18.74
CA TRP A 659 -8.59 8.22 17.43
C TRP A 659 -7.73 9.43 17.09
N VAL A 660 -7.74 9.79 15.81
CA VAL A 660 -7.12 11.01 15.35
C VAL A 660 -8.21 11.84 14.69
N PRO A 661 -8.12 13.17 14.83
CA PRO A 661 -9.22 14.01 14.35
C PRO A 661 -9.24 14.22 12.85
N SER A 662 -10.36 14.74 12.36
CA SER A 662 -10.47 15.16 10.97
C SER A 662 -9.47 16.24 10.64
N TYR A 663 -9.19 16.40 9.35
CA TYR A 663 -8.24 17.40 8.88
C TYR A 663 -8.47 17.71 7.42
N VAL A 664 -7.96 18.88 7.02
CA VAL A 664 -7.74 19.24 5.62
C VAL A 664 -6.33 19.73 5.45
N ARG A 665 -5.67 19.27 4.40
CA ARG A 665 -4.28 19.56 4.12
C ARG A 665 -4.24 20.10 2.71
N TYR A 666 -3.55 21.23 2.51
CA TYR A 666 -3.43 21.87 1.20
C TYR A 666 -2.05 21.74 0.59
N ASP A 667 -2.02 21.75 -0.74
CA ASP A 667 -0.77 21.74 -1.48
C ASP A 667 -0.83 22.72 -2.63
N ALA A 668 0.32 23.17 -3.08
CA ALA A 668 0.40 24.01 -4.28
C ALA A 668 1.59 23.71 -5.12
N MET A 669 1.51 24.09 -6.40
CA MET A 669 2.57 23.86 -7.32
C MET A 669 2.64 24.99 -8.38
N ALA A 670 3.84 25.24 -8.88
CA ALA A 670 4.03 26.06 -10.07
C ALA A 670 5.16 25.46 -10.90
N ARG A 671 4.88 25.35 -12.20
CA ARG A 671 5.80 24.79 -13.16
C ARG A 671 6.04 25.83 -14.26
N TYR A 672 7.29 26.24 -14.43
CA TYR A 672 7.64 27.21 -15.49
C TYR A 672 8.45 26.53 -16.56
N ASN A 673 7.98 26.59 -17.81
CA ASN A 673 8.73 26.08 -18.93
C ASN A 673 9.83 27.07 -19.31
N VAL A 674 11.06 26.74 -18.98
CA VAL A 674 12.18 27.63 -19.26
C VAL A 674 12.48 27.60 -20.76
N ASN A 675 12.53 26.40 -21.32
CA ASN A 675 12.62 26.22 -22.77
C ASN A 675 11.98 24.89 -23.09
N LYS A 676 12.19 24.37 -24.28
CA LYS A 676 11.47 23.17 -24.70
C LYS A 676 11.93 21.92 -23.93
N ASN A 677 13.14 21.97 -23.37
CA ASN A 677 13.74 20.83 -22.71
C ASN A 677 13.79 20.95 -21.17
N VAL A 678 13.53 22.15 -20.64
CA VAL A 678 13.80 22.43 -19.23
C VAL A 678 12.62 23.11 -18.56
N ASP A 679 12.21 22.54 -17.42
CA ASP A 679 11.21 23.13 -16.54
C ASP A 679 11.82 23.44 -15.16
N LEU A 680 11.26 24.41 -14.50
CA LEU A 680 11.53 24.67 -13.13
C LEU A 680 10.20 24.43 -12.42
N GLN A 681 10.21 23.62 -11.36
CA GLN A 681 8.95 23.30 -10.66
C GLN A 681 9.12 23.46 -9.17
N LEU A 682 8.22 24.25 -8.61
CA LEU A 682 8.15 24.52 -7.20
C LEU A 682 6.92 23.83 -6.64
N ASN A 683 7.13 23.04 -5.59
CA ASN A 683 6.03 22.42 -4.85
C ASN A 683 6.05 22.90 -3.41
N ILE A 684 4.89 23.31 -2.91
CA ILE A 684 4.73 23.62 -1.52
C ILE A 684 3.73 22.62 -0.96
N ASN A 685 4.20 21.83 0.01
CA ASN A 685 3.42 20.74 0.57
C ASN A 685 2.93 21.07 1.96
N ASN A 686 1.69 20.69 2.24
CA ASN A 686 1.05 21.01 3.53
C ASN A 686 1.23 22.50 3.78
N LEU A 687 0.63 23.24 2.87
CA LEU A 687 0.76 24.68 2.72
C LEU A 687 0.35 25.45 3.96
N SER A 688 -0.64 24.96 4.69
CA SER A 688 -1.05 25.63 5.92
C SER A 688 -0.30 25.13 7.17
N ASP A 689 0.68 24.24 7.00
CA ASP A 689 1.44 23.67 8.12
C ASP A 689 0.53 23.03 9.18
N LYS A 690 -0.46 22.31 8.70
CA LYS A 690 -1.43 21.67 9.57
C LYS A 690 -0.75 20.49 10.31
N ARG A 691 -0.99 20.40 11.60
CA ARG A 691 -0.67 19.23 12.41
C ARG A 691 -1.82 18.23 12.34
N TYR A 692 -1.56 17.12 11.69
CA TYR A 692 -2.53 16.05 11.60
C TYR A 692 -1.82 14.70 11.60
N PHE A 693 -2.63 13.64 11.63
CA PHE A 693 -2.17 12.28 11.80
C PHE A 693 -2.67 11.36 10.68
N THR A 694 -1.73 10.67 10.06
CA THR A 694 -2.01 9.77 8.93
C THR A 694 -2.16 8.30 9.32
N LYS A 695 -1.76 7.94 10.54
CA LYS A 695 -1.94 6.54 10.98
C LYS A 695 -2.36 6.57 12.41
N ALA A 696 -3.32 5.71 12.74
CA ALA A 696 -3.75 5.52 14.10
C ALA A 696 -3.56 4.04 14.42
N TYR A 697 -2.63 3.73 15.34
CA TYR A 697 -2.48 2.34 15.74
C TYR A 697 -3.58 1.93 16.73
N ALA A 698 -3.85 0.63 16.81
CA ALA A 698 -4.91 0.09 17.67
C ALA A 698 -4.70 0.43 19.14
N SER A 699 -3.45 0.61 19.53
CA SER A 699 -3.12 1.09 20.85
C SER A 699 -1.88 1.99 20.80
N HIS A 700 -1.63 2.69 21.89
CA HIS A 700 -0.36 3.37 22.15
C HIS A 700 -0.11 4.72 21.46
N TYR A 701 -0.22 4.78 20.14
CA TYR A 701 0.23 5.96 19.42
C TYR A 701 -0.40 6.14 18.07
N ALA A 702 -0.26 7.35 17.56
CA ALA A 702 -0.59 7.70 16.19
C ALA A 702 0.59 8.36 15.52
N THR A 703 0.62 8.32 14.19
CA THR A 703 1.75 8.85 13.44
C THR A 703 1.38 10.22 12.93
N GLU A 704 2.21 11.19 13.25
CA GLU A 704 2.04 12.55 12.76
C GLU A 704 2.44 12.69 11.29
N ALA A 705 1.63 13.42 10.52
CA ALA A 705 2.00 13.74 9.15
C ALA A 705 3.12 14.77 9.15
N GLU A 706 3.85 14.81 8.05
CA GLU A 706 4.91 15.78 7.87
C GLU A 706 4.34 17.20 7.89
N GLY A 707 5.15 18.14 8.38
CA GLY A 707 4.84 19.58 8.37
C GLY A 707 4.98 20.22 6.99
N ARG A 708 4.85 21.55 6.94
CA ARG A 708 5.02 22.26 5.67
C ARG A 708 6.42 22.08 5.11
N SER A 709 6.51 21.90 3.79
CA SER A 709 7.80 21.84 3.13
C SER A 709 7.70 22.51 1.76
N ALA A 710 8.84 22.80 1.18
CA ALA A 710 8.91 23.29 -0.20
C ALA A 710 10.00 22.53 -0.91
N VAL A 711 9.76 22.25 -2.18
CA VAL A 711 10.76 21.63 -3.02
C VAL A 711 10.88 22.41 -4.32
N LEU A 712 12.11 22.62 -4.77
CA LEU A 712 12.35 23.27 -6.06
C LEU A 712 13.14 22.34 -6.92
N ALA A 713 12.64 22.10 -8.13
CA ALA A 713 13.27 21.16 -9.04
C ALA A 713 13.56 21.78 -10.41
N VAL A 714 14.69 21.38 -10.96
CA VAL A 714 14.98 21.54 -12.37
C VAL A 714 14.81 20.20 -13.05
N ASN A 715 13.83 20.13 -13.94
CA ASN A 715 13.47 18.92 -14.65
C ASN A 715 13.87 19.07 -16.11
N PHE A 716 14.51 18.04 -16.64
CA PHE A 716 14.92 18.07 -18.03
C PHE A 716 14.41 16.88 -18.82
N LYS A 717 14.18 17.12 -20.11
CA LYS A 717 13.54 16.16 -20.97
C LYS A 717 14.04 16.34 -22.40
N TYR A 718 14.86 15.40 -22.88
CA TYR A 718 15.36 15.39 -24.24
C TYR A 718 14.93 14.14 -25.01
P PO4 B . 2.37 -3.91 23.58
O1 PO4 B . 2.39 -3.30 24.96
O2 PO4 B . 3.19 -3.03 22.67
O3 PO4 B . 0.93 -4.00 23.06
O4 PO4 B . 2.98 -5.30 23.63
C1 C8E C . -28.91 -7.11 -12.32
C2 C8E C . -28.96 -6.64 -13.75
C3 C8E C . -27.80 -5.71 -14.02
C4 C8E C . -28.13 -4.68 -15.05
C5 C8E C . -27.06 -3.63 -15.20
C6 C8E C . -26.89 -2.81 -13.93
C7 C8E C . -27.82 -1.65 -13.87
C8 C8E C . -28.03 -1.25 -12.42
O9 C8E C . -29.07 -2.08 -11.91
C10 C8E C . -29.10 -2.19 -10.47
C11 C8E C . -29.73 -0.95 -9.87
O12 C8E C . -29.06 0.21 -10.35
C13 C8E C . -29.64 1.39 -9.80
C14 C8E C . -28.87 2.62 -10.25
O15 C8E C . -29.44 3.15 -11.45
C16 C8E C . -30.22 4.33 -11.21
C17 C8E C . -30.25 5.21 -12.44
O18 C8E C . -28.97 5.16 -13.06
C1 C8E D . 17.32 -12.73 8.51
C2 C8E D . 16.76 -13.04 9.88
C3 C8E D . 17.91 -13.48 10.78
C4 C8E D . 17.89 -12.77 12.12
C5 C8E D . 18.55 -13.58 13.21
C6 C8E D . 20.00 -13.94 12.89
C7 C8E D . 20.58 -14.71 14.06
C8 C8E D . 22.00 -14.25 14.41
O9 C8E D . 22.45 -15.02 15.53
C1 C8E E . -10.82 -22.11 -13.27
C2 C8E E . -11.03 -22.84 -11.95
C3 C8E E . -12.15 -23.85 -12.08
C4 C8E E . -12.93 -24.04 -10.79
C5 C8E E . -12.47 -25.29 -10.03
C6 C8E E . -13.59 -25.91 -9.21
C7 C8E E . -13.06 -27.06 -8.35
C8 C8E E . -13.61 -27.02 -6.91
O9 C8E E . -12.53 -27.04 -5.98
C10 C8E E . -12.96 -27.19 -4.63
C11 C8E E . -12.36 -26.07 -3.75
O12 C8E E . -12.97 -25.99 -2.47
C13 C8E E . -14.40 -26.00 -2.47
C14 C8E E . -14.97 -24.95 -3.42
O15 C8E E . -16.37 -25.12 -3.61
C16 C8E E . -16.68 -25.96 -4.74
C17 C8E E . -17.46 -25.16 -5.76
O18 C8E E . -17.29 -25.74 -7.05
C19 C8E E . -17.36 -24.75 -8.08
C20 C8E E . -17.29 -25.41 -9.44
O21 C8E E . -16.99 -24.41 -10.42
C1 C8E F . -24.75 -13.23 -9.04
C2 C8E F . -24.49 -14.30 -8.01
C3 C8E F . -24.81 -13.83 -6.60
C4 C8E F . -24.61 -14.96 -5.59
C5 C8E F . -24.93 -14.50 -4.17
C6 C8E F . -24.23 -15.35 -3.12
C7 C8E F . -24.48 -14.73 -1.74
C8 C8E F . -24.44 -15.78 -0.64
O9 C8E F . -23.85 -15.21 0.52
C1 C8E G . 15.60 -17.42 11.52
C2 C8E G . 15.64 -18.90 11.13
C3 C8E G . 14.89 -19.74 12.15
C4 C8E G . 14.94 -21.23 11.85
C5 C8E G . 13.62 -21.93 12.20
C6 C8E G . 13.84 -23.40 12.61
C7 C8E G . 13.98 -24.34 11.42
C8 C8E G . 13.97 -25.79 11.90
O9 C8E G . 13.07 -26.59 11.13
C1 C8E H . -28.13 9.46 -27.13
C2 C8E H . -28.66 8.29 -26.31
C3 C8E H . -29.39 8.76 -25.06
C4 C8E H . -28.61 8.51 -23.78
C5 C8E H . -29.49 8.75 -22.56
C6 C8E H . -28.80 8.25 -21.31
C7 C8E H . -29.57 8.66 -20.05
C8 C8E H . -28.64 8.70 -18.85
O9 C8E H . -28.79 7.56 -18.02
C10 C8E H . -28.37 7.81 -16.68
C11 C8E H . -28.16 6.49 -15.95
O12 C8E H . -28.07 6.69 -14.54
C1 C8E I . -16.17 17.39 -1.60
C2 C8E I . -16.95 17.89 -0.40
C3 C8E I . -16.25 17.60 0.92
C4 C8E I . -17.24 17.02 1.93
C5 C8E I . -16.82 17.27 3.37
C6 C8E I . -18.07 17.53 4.21
C7 C8E I . -17.79 17.52 5.72
C8 C8E I . -19.10 17.33 6.48
O9 C8E I . -18.80 16.99 7.82
C1 C8E J . 12.42 -20.17 -2.25
C2 C8E J . 11.95 -19.24 -3.36
C3 C8E J . 13.12 -18.61 -4.10
C4 C8E J . 13.53 -19.45 -5.31
C5 C8E J . 14.75 -18.88 -6.01
C6 C8E J . 14.52 -17.44 -6.44
C7 C8E J . 14.92 -16.46 -5.34
C8 C8E J . 15.19 -15.07 -5.92
O9 C8E J . 16.39 -14.57 -5.34
C10 C8E J . 16.63 -13.17 -5.58
C11 C8E J . 16.33 -12.76 -7.03
O12 C8E J . 16.85 -11.45 -7.31
#